data_5TDF
#
_entry.id   5TDF
#
_cell.length_a   55.050
_cell.length_b   83.870
_cell.length_c   195.740
_cell.angle_alpha   90.00
_cell.angle_beta   90.00
_cell.angle_gamma   90.00
#
_symmetry.space_group_name_H-M   'P 21 21 21'
#
loop_
_entity.id
_entity.type
_entity.pdbx_description
1 polymer 'ATP-citrate synthase'
2 polymer 'ATP-citrate synthase'
3 non-polymer '3-C-carboxy-2-deoxy-D-erythro-pentaric acid'
4 non-polymer "ADENOSINE-5'-DIPHOSPHATE"
5 non-polymer 'MAGNESIUM ION'
6 non-polymer GLYCEROL
7 non-polymer ADENINE
8 water water
#
loop_
_entity_poly.entity_id
_entity_poly.type
_entity_poly.pdbx_seq_one_letter_code
_entity_poly.pdbx_strand_id
1 'polypeptide(L)'
;MSAKAISEQTGKELLYKFICTTSAIQNRFKYARVTPDTDWARLLQDHPWLLSQNLVVKPDQLIKRRGKLGLVGVNLTLDG
VKSWLKPRLGQEATVGKATGFLKNFLIEPFVPHSQAEEFYVCIYATREGDYVLFHHEGGVDVGDVDAKAQKLLVGVDEKL
NPEDIKKHLLVHAPEDKKEILASFISGLFNFYEDLYFTYLEINPLVVTKDGVYVLDLAAKVDATADYICKVKWGDIEFPP
PFGREAYPEEAYIADLDAKSGASLKLTLLNPKGRIWTMVAGGGASVVYSDTICDLGGVNELANYGEYSGAPSEQQTYDYA
KTILSLMTREKHPDGKILIIGGSIANFTNVAATFKGIVRAIRDYQGPLKEHEVTIFVRRGGPNYQEGLRVMGEVGKTTGI
PIHVFGTETHMTAIVGMALGHRPIPENLYFQ
;
A
2 'polypeptide(L)'
;SKSTTLFSRHTKAIVWGMQTRAVQGMLDFDYVCSRDEPSVAAMVYPFTGDHKQKFYWGHKEILIPVFKNMADAMRKHPEV
DVLINFASLRSAYDSTMETMNYAQIRTIAIIAEGIPEALTRKLIKKADQKGVTIIGPATVGGIKPGCFKIGNTGGMLDNI
LASKLYRPGSVAYVSRSGGMSNELNNIISRTTDGVYEGVAIGGDRYPGSTFMDHVLRYQDTPGVKMIVVLGEIGGTEEYK
ICRGIKEGRLTKPIVCWCIGTCATMFSSEVQFG(NEP)AGACANQASETAVAKNQALKEAGVFVPRSFDELGEIIQSVYE
DLVANGVI
;
B
#
loop_
_chem_comp.id
_chem_comp.type
_chem_comp.name
_chem_comp.formula
7A3 non-polymer '3-C-carboxy-2-deoxy-D-erythro-pentaric acid' 'C6 H8 O8'
ADE non-polymer ADENINE 'C5 H5 N5'
ADP non-polymer ADENOSINE-5'-DIPHOSPHATE 'C10 H15 N5 O10 P2'
GOL non-polymer GLYCEROL 'C3 H8 O3'
MG non-polymer 'MAGNESIUM ION' 'Mg 2'
#
# COMPACT_ATOMS: atom_id res chain seq x y z
N SER A 2 5.69 2.98 -0.37
CA SER A 2 5.17 3.34 0.95
C SER A 2 6.14 4.22 1.72
N ALA A 3 5.59 4.96 2.67
CA ALA A 3 6.39 5.77 3.57
C ALA A 3 7.10 4.86 4.56
N LYS A 4 8.41 5.06 4.73
CA LYS A 4 9.21 4.20 5.60
C LYS A 4 9.99 5.04 6.58
N ALA A 5 10.01 4.57 7.83
CA ALA A 5 10.77 5.21 8.88
C ALA A 5 12.27 5.10 8.61
N ILE A 6 12.99 6.14 8.98
CA ILE A 6 14.44 6.11 8.96
C ILE A 6 14.91 6.30 10.40
N SER A 7 16.15 5.87 10.66
CA SER A 7 16.70 6.04 12.00
C SER A 7 16.93 7.52 12.30
N GLU A 8 16.98 7.82 13.60
CA GLU A 8 17.36 9.17 14.05
C GLU A 8 18.72 9.59 13.49
N GLN A 9 19.69 8.68 13.49
CA GLN A 9 20.99 9.00 12.93
C GLN A 9 20.91 9.36 11.45
N THR A 10 20.19 8.55 10.66
CA THR A 10 20.00 8.85 9.23
C THR A 10 19.37 10.22 9.02
N GLY A 11 18.29 10.52 9.75
CA GLY A 11 17.62 11.81 9.58
C GLY A 11 18.50 12.99 9.97
N LYS A 12 19.24 12.85 11.07
CA LYS A 12 20.12 13.93 11.48
C LYS A 12 21.26 14.12 10.49
N GLU A 13 21.82 13.03 9.98
CA GLU A 13 22.87 13.14 8.96
C GLU A 13 22.38 13.94 7.77
N LEU A 14 21.19 13.60 7.25
CA LEU A 14 20.64 14.32 6.10
C LEU A 14 20.37 15.78 6.45
N LEU A 15 19.78 16.03 7.62
CA LEU A 15 19.50 17.41 8.01
C LEU A 15 20.79 18.23 8.09
N TYR A 16 21.77 17.73 8.82
CA TYR A 16 23.03 18.46 8.95
C TYR A 16 23.68 18.68 7.59
N LYS A 17 23.60 17.68 6.70
CA LYS A 17 24.14 17.80 5.35
C LYS A 17 23.44 18.89 4.54
N PHE A 18 22.10 18.95 4.59
CA PHE A 18 21.34 19.66 3.54
C PHE A 18 20.52 20.87 3.97
N ILE A 19 20.15 21.02 5.25
CA ILE A 19 19.29 22.13 5.64
C ILE A 19 19.98 23.47 5.37
N CYS A 20 19.19 24.47 4.96
CA CYS A 20 19.70 25.82 4.71
C CYS A 20 19.00 26.79 5.66
N THR A 21 19.79 27.45 6.51
CA THR A 21 19.26 28.39 7.48
C THR A 21 20.28 29.50 7.70
N THR A 22 19.79 30.65 8.14
CA THR A 22 20.69 31.61 8.76
C THR A 22 21.06 31.17 10.17
N SER A 23 20.28 30.25 10.76
CA SER A 23 20.56 29.78 12.11
C SER A 23 21.85 28.96 12.15
N ALA A 24 22.66 29.20 13.18
CA ALA A 24 23.84 28.38 13.39
C ALA A 24 23.40 27.11 14.08
N ILE A 25 23.36 26.01 13.34
CA ILE A 25 23.03 24.73 13.95
C ILE A 25 24.30 24.19 14.62
N GLN A 26 24.16 23.82 15.88
CA GLN A 26 25.28 23.42 16.70
C GLN A 26 25.37 21.90 16.70
N ASN A 27 26.56 21.42 17.06
CA ASN A 27 26.83 19.99 17.25
C ASN A 27 26.57 19.19 15.96
N ARG A 28 26.79 19.82 14.81
CA ARG A 28 26.59 19.12 13.54
C ARG A 28 27.48 17.88 13.46
N PHE A 29 26.88 16.75 13.08
CA PHE A 29 27.52 15.44 12.94
C PHE A 29 28.15 14.91 14.22
N LYS A 30 27.84 15.49 15.39
CA LYS A 30 28.39 14.99 16.66
C LYS A 30 27.49 13.91 17.24
N TYR A 31 27.60 12.71 16.67
CA TYR A 31 26.93 11.53 17.17
C TYR A 31 27.85 10.35 16.92
N ALA A 32 27.75 9.37 17.81
CA ALA A 32 28.53 8.14 17.71
C ALA A 32 27.57 6.99 17.88
N ARG A 33 27.67 6.00 17.00
CA ARG A 33 26.81 4.84 17.00
C ARG A 33 27.52 3.67 17.67
N VAL A 34 26.81 2.99 18.58
CA VAL A 34 27.35 1.90 19.37
C VAL A 34 26.45 0.68 19.20
N THR A 35 27.08 -0.47 19.01
CA THR A 35 26.43 -1.77 18.94
C THR A 35 27.19 -2.73 19.84
N PRO A 36 26.68 -3.95 20.04
CA PRO A 36 27.42 -4.92 20.87
C PRO A 36 28.77 -5.29 20.32
N ASP A 37 29.06 -5.02 19.04
CA ASP A 37 30.34 -5.31 18.42
C ASP A 37 31.28 -4.12 18.35
N THR A 38 30.91 -2.99 18.92
CA THR A 38 31.72 -1.79 18.78
C THR A 38 33.12 -2.01 19.36
N ASP A 39 34.13 -1.57 18.61
CA ASP A 39 35.50 -1.43 19.10
C ASP A 39 35.61 -0.06 19.74
N TRP A 40 35.52 -0.01 21.06
CA TRP A 40 35.43 1.27 21.76
C TRP A 40 36.71 2.09 21.61
N ALA A 41 37.87 1.45 21.59
CA ALA A 41 39.10 2.18 21.31
C ALA A 41 39.01 2.90 19.97
N ARG A 42 38.50 2.21 18.94
CA ARG A 42 38.38 2.81 17.62
C ARG A 42 37.30 3.90 17.60
N LEU A 43 36.19 3.66 18.30
CA LEU A 43 35.14 4.67 18.39
C LEU A 43 35.69 5.97 18.94
N LEU A 44 36.49 5.87 20.02
CA LEU A 44 37.05 7.06 20.64
C LEU A 44 38.14 7.67 19.77
N GLN A 45 38.83 6.88 18.98
CA GLN A 45 39.77 7.49 18.05
C GLN A 45 39.03 8.36 17.04
N ASP A 46 37.89 7.89 16.56
CA ASP A 46 37.11 8.60 15.56
C ASP A 46 36.26 9.72 16.14
N HIS A 47 35.93 9.65 17.42
CA HIS A 47 35.04 10.63 18.06
C HIS A 47 35.65 11.13 19.35
N PRO A 48 36.74 11.88 19.26
CA PRO A 48 37.38 12.40 20.49
C PRO A 48 36.52 13.37 21.27
N TRP A 49 35.55 14.02 20.64
CA TRP A 49 34.61 14.90 21.34
C TRP A 49 33.83 14.17 22.42
N LEU A 50 33.82 12.85 22.41
CA LEU A 50 33.17 12.08 23.46
C LEU A 50 33.76 12.34 24.84
N LEU A 51 35.02 12.82 24.90
CA LEU A 51 35.63 13.17 26.19
C LEU A 51 35.46 14.63 26.56
N SER A 52 34.93 15.46 25.64
CA SER A 52 35.00 16.91 25.78
C SER A 52 33.92 17.52 26.68
N GLN A 53 32.84 16.77 26.96
CA GLN A 53 31.72 17.28 27.75
C GLN A 53 30.87 16.06 28.06
N ASN A 54 29.89 16.24 28.93
CA ASN A 54 29.05 15.11 29.28
C ASN A 54 28.12 14.77 28.10
N LEU A 55 27.45 13.63 28.22
CA LEU A 55 26.84 12.95 27.08
C LEU A 55 25.42 12.52 27.39
N VAL A 56 24.71 12.16 26.30
CA VAL A 56 23.40 11.53 26.33
C VAL A 56 23.49 10.28 25.46
N VAL A 57 22.86 9.20 25.89
CA VAL A 57 22.90 7.94 25.18
C VAL A 57 21.49 7.40 25.12
N LYS A 58 21.13 6.80 23.99
CA LYS A 58 19.78 6.29 23.81
C LYS A 58 19.77 5.31 22.65
N PRO A 59 18.85 4.35 22.63
CA PRO A 59 18.75 3.46 21.48
C PRO A 59 18.19 4.20 20.28
N ASP A 60 18.64 3.79 19.09
CA ASP A 60 18.16 4.32 17.81
C ASP A 60 17.62 3.13 17.04
N GLN A 61 16.42 2.70 17.41
CA GLN A 61 15.79 1.53 16.84
C GLN A 61 14.29 1.74 16.65
N LEU A 62 13.88 2.99 16.40
CA LEU A 62 12.48 3.34 16.18
C LEU A 62 11.62 3.06 17.41
N ILE A 63 12.22 3.21 18.61
CA ILE A 63 11.50 3.09 19.87
C ILE A 63 10.99 4.48 20.25
N LYS A 64 9.69 4.60 20.44
CA LYS A 64 9.11 5.86 20.89
C LYS A 64 9.17 5.98 22.41
N ARG A 65 9.15 7.22 22.88
CA ARG A 65 9.01 7.52 24.31
C ARG A 65 10.13 6.84 25.12
N ARG A 66 11.36 6.97 24.63
CA ARG A 66 12.48 6.31 25.29
C ARG A 66 12.68 6.83 26.70
N GLY A 67 12.54 8.14 26.90
CA GLY A 67 12.78 8.72 28.21
C GLY A 67 11.88 8.12 29.28
N LYS A 68 10.59 7.98 28.95
CA LYS A 68 9.66 7.36 29.88
C LYS A 68 10.03 5.91 30.17
N LEU A 69 10.77 5.26 29.28
CA LEU A 69 11.20 3.89 29.46
C LEU A 69 12.56 3.75 30.14
N GLY A 70 13.13 4.84 30.65
CA GLY A 70 14.46 4.77 31.21
C GLY A 70 15.53 4.54 30.19
N LEU A 71 15.23 4.78 28.91
CA LEU A 71 16.15 4.47 27.82
C LEU A 71 16.86 5.69 27.26
N VAL A 72 16.85 6.82 27.97
CA VAL A 72 17.70 7.94 27.65
C VAL A 72 18.55 8.22 28.88
N GLY A 73 19.86 8.03 28.76
CA GLY A 73 20.79 8.36 29.83
C GLY A 73 21.33 9.74 29.63
N VAL A 74 21.04 10.66 30.55
CA VAL A 74 21.25 12.08 30.32
C VAL A 74 22.36 12.61 31.23
N ASN A 75 23.28 13.39 30.64
CA ASN A 75 24.31 14.15 31.39
C ASN A 75 25.25 13.19 32.11
N LEU A 76 25.89 12.33 31.31
CA LEU A 76 26.77 11.28 31.79
C LEU A 76 28.18 11.46 31.24
N THR A 77 29.18 11.07 32.03
CA THR A 77 30.51 10.99 31.47
C THR A 77 30.58 9.75 30.58
N LEU A 78 31.66 9.65 29.81
CA LEU A 78 31.85 8.43 29.04
C LEU A 78 31.78 7.20 29.95
N ASP A 79 32.43 7.25 31.12
CA ASP A 79 32.32 6.13 32.05
C ASP A 79 30.87 5.90 32.44
N GLY A 80 30.13 6.98 32.70
CA GLY A 80 28.72 6.82 33.06
C GLY A 80 27.89 6.22 31.93
N VAL A 81 28.20 6.57 30.68
CA VAL A 81 27.55 5.96 29.52
C VAL A 81 27.84 4.47 29.47
N LYS A 82 29.11 4.08 29.67
CA LYS A 82 29.42 2.66 29.62
C LYS A 82 28.72 1.90 30.74
N SER A 83 28.65 2.48 31.96
CA SER A 83 27.91 1.83 33.05
C SER A 83 26.43 1.73 32.71
N TRP A 84 25.87 2.77 32.09
CA TRP A 84 24.46 2.78 31.71
C TRP A 84 24.17 1.73 30.64
N LEU A 85 25.10 1.53 29.70
CA LEU A 85 24.93 0.52 28.67
C LEU A 85 25.10 -0.92 29.15
N LYS A 86 25.83 -1.14 30.25
CA LYS A 86 26.11 -2.51 30.67
C LYS A 86 24.86 -3.38 30.81
N PRO A 87 23.81 -2.96 31.53
CA PRO A 87 22.58 -3.74 31.63
C PRO A 87 21.62 -3.61 30.45
N ARG A 88 21.98 -2.88 29.39
CA ARG A 88 21.04 -2.61 28.32
C ARG A 88 21.54 -3.11 26.98
N LEU A 89 22.78 -2.79 26.61
CA LEU A 89 23.33 -3.15 25.31
C LEU A 89 23.43 -4.66 25.19
N GLY A 90 22.79 -5.20 24.15
CA GLY A 90 22.75 -6.63 23.95
C GLY A 90 21.62 -7.34 24.66
N GLN A 91 20.82 -6.62 25.44
CA GLN A 91 19.77 -7.25 26.21
C GLN A 91 18.47 -7.29 25.43
N GLU A 92 17.71 -8.36 25.63
CA GLU A 92 16.35 -8.36 25.14
C GLU A 92 15.50 -7.39 25.95
N ALA A 93 14.63 -6.65 25.26
CA ALA A 93 13.71 -5.69 25.88
C ALA A 93 12.36 -5.78 25.21
N THR A 94 11.31 -5.61 26.01
CA THR A 94 9.95 -5.45 25.50
C THR A 94 9.50 -4.00 25.57
N VAL A 95 9.00 -3.47 24.46
CA VAL A 95 8.53 -2.10 24.32
C VAL A 95 7.12 -2.17 23.78
N GLY A 96 6.14 -1.73 24.57
CA GLY A 96 4.76 -1.96 24.19
C GLY A 96 4.46 -3.45 24.24
N LYS A 97 4.09 -4.03 23.10
CA LYS A 97 3.91 -5.47 22.98
C LYS A 97 5.01 -6.15 22.17
N ALA A 98 6.01 -5.40 21.70
CA ALA A 98 7.06 -5.95 20.86
C ALA A 98 8.31 -6.25 21.67
N THR A 99 8.99 -7.34 21.33
CA THR A 99 10.20 -7.74 22.01
C THR A 99 11.34 -7.87 21.02
N GLY A 100 12.48 -7.28 21.35
CA GLY A 100 13.66 -7.31 20.50
C GLY A 100 14.89 -7.03 21.34
N PHE A 101 16.03 -7.06 20.69
CA PHE A 101 17.30 -6.80 21.36
C PHE A 101 17.67 -5.34 21.22
N LEU A 102 18.16 -4.75 22.31
CA LEU A 102 18.72 -3.41 22.28
C LEU A 102 20.14 -3.52 21.75
N LYS A 103 20.37 -3.09 20.51
CA LYS A 103 21.66 -3.35 19.88
C LYS A 103 22.15 -2.19 19.02
N ASN A 104 21.50 -1.04 19.04
CA ASN A 104 21.95 0.11 18.26
C ASN A 104 21.63 1.38 19.05
N PHE A 105 22.69 2.03 19.53
CA PHE A 105 22.56 3.22 20.37
C PHE A 105 23.32 4.38 19.76
N LEU A 106 22.83 5.57 20.08
CA LEU A 106 23.45 6.82 19.70
C LEU A 106 23.99 7.52 20.96
N ILE A 107 25.19 8.07 20.87
CA ILE A 107 25.78 8.92 21.92
C ILE A 107 25.99 10.30 21.32
N GLU A 108 25.58 11.34 22.04
CA GLU A 108 25.64 12.72 21.59
C GLU A 108 26.02 13.60 22.76
N PRO A 109 26.51 14.81 22.51
CA PRO A 109 26.81 15.73 23.61
C PRO A 109 25.57 16.14 24.38
N PHE A 110 25.71 16.23 25.71
CA PHE A 110 24.68 16.85 26.54
C PHE A 110 24.66 18.36 26.30
N VAL A 111 23.46 18.91 26.14
CA VAL A 111 23.27 20.34 25.90
C VAL A 111 22.55 20.93 27.11
N PRO A 112 23.25 21.63 28.00
CA PRO A 112 22.54 22.25 29.13
C PRO A 112 21.58 23.30 28.60
N HIS A 113 20.37 23.29 29.12
CA HIS A 113 19.39 24.27 28.69
C HIS A 113 18.26 24.32 29.71
N SER A 114 17.48 25.39 29.64
CA SER A 114 16.30 25.50 30.48
C SER A 114 15.06 24.95 29.77
N GLN A 115 14.06 24.60 30.58
CA GLN A 115 12.81 24.13 30.00
C GLN A 115 12.23 25.15 29.02
N ALA A 116 12.46 26.43 29.28
CA ALA A 116 11.96 27.48 28.40
C ALA A 116 12.68 27.50 27.05
N GLU A 117 13.83 26.85 26.96
CA GLU A 117 14.57 26.81 25.71
C GLU A 117 14.23 25.57 24.88
N GLU A 118 13.26 24.74 25.31
CA GLU A 118 12.79 23.59 24.55
C GLU A 118 11.57 23.98 23.72
N PHE A 119 11.61 23.64 22.42
CA PHE A 119 10.53 23.87 21.47
C PHE A 119 10.17 22.54 20.80
N TYR A 120 8.99 22.53 20.21
CA TYR A 120 8.46 21.38 19.47
C TYR A 120 8.21 21.84 18.04
N VAL A 121 8.71 21.07 17.06
CA VAL A 121 8.39 21.30 15.66
C VAL A 121 8.07 19.96 15.03
N CYS A 122 7.01 19.92 14.21
CA CYS A 122 6.65 18.73 13.47
C CYS A 122 6.06 19.14 12.14
N ILE A 123 6.36 18.37 11.09
CA ILE A 123 5.78 18.53 9.77
C ILE A 123 5.26 17.16 9.36
N TYR A 124 4.02 17.06 8.89
CA TYR A 124 3.57 15.78 8.37
C TYR A 124 2.60 15.95 7.22
N ALA A 125 2.57 14.93 6.38
CA ALA A 125 1.85 14.99 5.11
C ALA A 125 0.40 14.52 5.25
N THR A 126 -0.49 15.18 4.51
CA THR A 126 -1.87 14.73 4.28
C THR A 126 -2.24 14.96 2.83
N ARG A 127 -3.42 14.47 2.46
CA ARG A 127 -3.92 14.67 1.11
C ARG A 127 -3.84 16.13 0.69
N GLU A 128 -4.23 17.03 1.58
CA GLU A 128 -4.45 18.42 1.25
C GLU A 128 -3.20 19.29 1.41
N GLY A 129 -2.12 18.71 1.92
CA GLY A 129 -0.85 19.40 2.04
C GLY A 129 -0.14 18.91 3.29
N ASP A 130 0.83 19.69 3.73
CA ASP A 130 1.66 19.34 4.88
C ASP A 130 1.34 20.29 6.02
N TYR A 131 0.97 19.73 7.16
CA TYR A 131 0.78 20.51 8.37
C TYR A 131 2.12 20.73 9.08
N VAL A 132 2.33 21.97 9.50
CA VAL A 132 3.50 22.36 10.27
C VAL A 132 3.04 22.78 11.66
N LEU A 133 3.58 22.11 12.70
CA LEU A 133 3.21 22.32 14.08
C LEU A 133 4.36 22.94 14.87
N PHE A 134 4.03 23.87 15.74
CA PHE A 134 4.99 24.51 16.62
C PHE A 134 4.40 24.62 18.00
N HIS A 135 5.21 24.32 19.02
CA HIS A 135 4.82 24.58 20.40
C HIS A 135 6.01 25.14 21.19
N HIS A 136 5.74 26.13 22.05
CA HIS A 136 6.83 26.69 22.84
C HIS A 136 7.11 25.88 24.10
N GLU A 137 6.19 25.01 24.50
CA GLU A 137 6.48 24.04 25.55
C GLU A 137 6.79 22.69 24.87
N GLY A 138 8.05 22.54 24.47
CA GLY A 138 8.50 21.31 23.85
C GLY A 138 8.99 20.29 24.88
N GLY A 139 9.40 19.14 24.36
CA GLY A 139 9.99 18.08 25.17
C GLY A 139 9.00 17.04 25.68
N ALA A 149 -0.75 24.22 20.80
CA ALA A 149 0.26 24.04 19.74
C ALA A 149 -0.21 24.63 18.45
N GLN A 150 0.50 25.64 17.94
CA GLN A 150 0.10 26.26 16.70
C GLN A 150 0.30 25.29 15.54
N LYS A 151 -0.57 25.38 14.55
CA LYS A 151 -0.54 24.43 13.44
C LYS A 151 -1.09 25.10 12.20
N LEU A 152 -0.42 24.89 11.08
CA LEU A 152 -0.71 25.57 9.82
C LEU A 152 -0.69 24.53 8.72
N LEU A 153 -1.71 24.52 7.89
CA LEU A 153 -1.65 23.76 6.64
C LEU A 153 -0.90 24.57 5.60
N VAL A 154 0.11 23.94 5.00
CA VAL A 154 0.79 24.45 3.82
C VAL A 154 0.27 23.63 2.64
N GLY A 155 -0.49 24.31 1.77
CA GLY A 155 -1.03 23.66 0.61
C GLY A 155 0.03 23.18 -0.35
N VAL A 156 -0.43 22.32 -1.25
CA VAL A 156 0.47 21.57 -2.13
C VAL A 156 1.38 22.50 -2.94
N ASP A 157 0.87 23.63 -3.43
CA ASP A 157 1.71 24.54 -4.22
C ASP A 157 2.20 25.75 -3.44
N GLU A 158 2.03 25.76 -2.14
CA GLU A 158 2.38 26.93 -1.35
C GLU A 158 3.79 26.85 -0.83
N LYS A 159 4.38 28.03 -0.64
CA LYS A 159 5.67 28.15 0.04
C LYS A 159 5.44 28.41 1.52
N LEU A 160 6.50 28.21 2.31
CA LEU A 160 6.51 28.56 3.73
C LEU A 160 7.73 29.43 4.02
N ASN A 161 7.53 30.73 3.98
CA ASN A 161 8.64 31.65 4.21
C ASN A 161 8.76 32.00 5.68
N PRO A 162 9.91 32.54 6.11
CA PRO A 162 10.04 32.93 7.52
C PRO A 162 8.93 33.88 7.98
N GLU A 163 8.53 34.84 7.14
CA GLU A 163 7.45 35.73 7.56
C GLU A 163 6.15 34.98 7.78
N ASP A 164 5.89 33.94 6.99
CA ASP A 164 4.69 33.13 7.18
C ASP A 164 4.73 32.41 8.51
N ILE A 165 5.90 31.92 8.90
CA ILE A 165 6.03 31.20 10.16
C ILE A 165 5.82 32.15 11.34
N LYS A 166 6.44 33.32 11.29
CA LYS A 166 6.21 34.30 12.36
C LYS A 166 4.72 34.61 12.46
N LYS A 167 4.08 34.86 11.32
CA LYS A 167 2.69 35.30 11.34
C LYS A 167 1.78 34.20 11.87
N HIS A 168 1.92 32.96 11.36
CA HIS A 168 0.95 31.92 11.65
C HIS A 168 1.34 31.02 12.83
N LEU A 169 2.63 30.91 13.18
CA LEU A 169 3.05 29.89 14.17
C LEU A 169 3.74 30.43 15.42
N LEU A 170 4.43 31.56 15.36
CA LEU A 170 5.32 31.98 16.44
C LEU A 170 4.69 33.01 17.36
N VAL A 171 3.36 33.10 17.38
CA VAL A 171 2.70 34.15 18.15
C VAL A 171 3.04 34.05 19.64
N HIS A 172 3.21 32.83 20.17
CA HIS A 172 3.56 32.64 21.58
C HIS A 172 5.05 32.44 21.81
N ALA A 173 5.84 32.65 20.82
CA ALA A 173 7.24 32.33 21.03
C ALA A 173 7.96 33.55 21.61
N PRO A 174 8.97 33.34 22.43
CA PRO A 174 9.74 34.49 22.95
C PRO A 174 10.23 35.37 21.82
N GLU A 175 10.09 36.68 22.03
CA GLU A 175 10.38 37.63 20.95
C GLU A 175 11.82 37.49 20.48
N ASP A 176 12.74 37.24 21.40
CA ASP A 176 14.14 37.25 21.00
C ASP A 176 14.54 35.99 20.25
N LYS A 177 13.61 35.05 20.07
CA LYS A 177 13.91 33.80 19.38
C LYS A 177 13.12 33.62 18.08
N LYS A 178 12.24 34.56 17.74
CA LYS A 178 11.42 34.43 16.55
C LYS A 178 12.25 34.41 15.27
N GLU A 179 13.29 35.25 15.17
CA GLU A 179 14.06 35.27 13.93
C GLU A 179 14.75 33.93 13.69
N ILE A 180 15.39 33.38 14.72
CA ILE A 180 16.13 32.14 14.52
C ILE A 180 15.18 30.96 14.34
N LEU A 181 14.06 30.94 15.07
CA LEU A 181 13.07 29.87 14.87
C LEU A 181 12.47 29.93 13.48
N ALA A 182 12.12 31.12 13.01
CA ALA A 182 11.48 31.24 11.71
C ALA A 182 12.43 30.82 10.60
N SER A 183 13.71 31.19 10.70
CA SER A 183 14.68 30.75 9.72
C SER A 183 14.85 29.22 9.74
N PHE A 184 14.98 28.65 10.94
CA PHE A 184 15.16 27.19 11.05
C PHE A 184 13.94 26.46 10.49
N ILE A 185 12.74 26.85 10.90
CA ILE A 185 11.54 26.13 10.44
C ILE A 185 11.36 26.27 8.93
N SER A 186 11.66 27.44 8.38
CA SER A 186 11.63 27.60 6.92
C SER A 186 12.62 26.66 6.22
N GLY A 187 13.84 26.56 6.74
CA GLY A 187 14.81 25.66 6.12
C GLY A 187 14.42 24.20 6.30
N LEU A 188 13.93 23.86 7.48
CA LEU A 188 13.42 22.52 7.75
C LEU A 188 12.34 22.11 6.76
N PHE A 189 11.41 23.03 6.46
CA PHE A 189 10.32 22.69 5.54
C PHE A 189 10.85 22.50 4.12
N ASN A 190 11.75 23.36 3.65
CA ASN A 190 12.34 23.15 2.33
C ASN A 190 13.10 21.82 2.27
N PHE A 191 13.78 21.47 3.37
CA PHE A 191 14.50 20.20 3.47
C PHE A 191 13.53 19.01 3.40
N TYR A 192 12.43 19.11 4.15
CA TYR A 192 11.39 18.10 4.13
C TYR A 192 10.87 17.88 2.71
N GLU A 193 10.60 18.96 1.98
CA GLU A 193 10.08 18.82 0.62
C GLU A 193 11.12 18.23 -0.31
N ASP A 194 12.32 18.81 -0.28
CA ASP A 194 13.33 18.44 -1.27
C ASP A 194 13.73 16.97 -1.17
N LEU A 195 13.71 16.40 0.03
CA LEU A 195 14.11 15.02 0.24
C LEU A 195 12.93 14.07 0.41
N TYR A 196 11.72 14.53 0.09
CA TYR A 196 10.54 13.68 0.02
C TYR A 196 10.25 13.01 1.36
N PHE A 197 10.33 13.80 2.43
CA PHE A 197 9.79 13.38 3.72
C PHE A 197 8.26 13.39 3.70
N THR A 198 7.67 12.55 4.56
CA THR A 198 6.25 12.55 4.84
C THR A 198 5.95 12.81 6.31
N TYR A 199 6.98 12.79 7.16
CA TYR A 199 6.82 12.98 8.60
C TYR A 199 8.18 13.37 9.14
N LEU A 200 8.24 14.47 9.90
CA LEU A 200 9.51 14.94 10.45
C LEU A 200 9.20 15.66 11.75
N GLU A 201 9.64 15.10 12.87
CA GLU A 201 9.35 15.62 14.19
C GLU A 201 10.67 15.89 14.92
N ILE A 202 10.82 17.08 15.48
CA ILE A 202 11.98 17.42 16.29
C ILE A 202 11.44 17.82 17.66
N ASN A 203 11.61 16.95 18.65
CA ASN A 203 11.05 17.17 19.98
C ASN A 203 12.01 16.62 21.06
N PRO A 204 12.81 17.49 21.65
CA PRO A 204 12.83 18.96 21.56
C PRO A 204 13.83 19.52 20.57
N LEU A 205 13.44 20.65 19.99
CA LEU A 205 14.36 21.59 19.39
C LEU A 205 14.76 22.56 20.49
N VAL A 206 16.06 22.73 20.71
CA VAL A 206 16.55 23.63 21.75
C VAL A 206 17.22 24.84 21.12
N VAL A 207 16.90 26.03 21.63
CA VAL A 207 17.55 27.26 21.18
C VAL A 207 18.07 27.95 22.43
N THR A 208 19.38 28.06 22.55
CA THR A 208 20.01 28.77 23.64
C THR A 208 20.65 30.03 23.09
N LYS A 209 21.36 30.74 23.97
CA LYS A 209 22.14 31.87 23.51
C LYS A 209 23.16 31.48 22.45
N ASP A 210 23.52 30.20 22.37
CA ASP A 210 24.55 29.74 21.45
C ASP A 210 24.04 29.18 20.13
N GLY A 211 22.72 29.06 19.93
CA GLY A 211 22.24 28.62 18.64
C GLY A 211 21.24 27.48 18.77
N VAL A 212 21.07 26.73 17.68
CA VAL A 212 20.01 25.73 17.55
C VAL A 212 20.60 24.33 17.71
N TYR A 213 19.94 23.51 18.53
CA TYR A 213 20.34 22.13 18.79
C TYR A 213 19.18 21.21 18.46
N VAL A 214 19.43 20.21 17.62
CA VAL A 214 18.44 19.22 17.24
C VAL A 214 18.64 18.02 18.18
N LEU A 215 17.93 18.00 19.31
CA LEU A 215 18.17 16.99 20.32
C LEU A 215 17.58 15.64 19.96
N ASP A 216 16.46 15.64 19.24
CA ASP A 216 15.75 14.41 18.90
C ASP A 216 15.21 14.58 17.48
N LEU A 217 15.10 13.48 16.75
CA LEU A 217 14.52 13.56 15.41
C LEU A 217 13.88 12.23 15.12
N ALA A 218 12.63 12.27 14.65
CA ALA A 218 11.95 11.09 14.15
C ALA A 218 11.40 11.46 12.78
N ALA A 219 11.42 10.50 11.85
CA ALA A 219 11.05 10.85 10.47
C ALA A 219 10.67 9.60 9.68
N LYS A 220 9.88 9.85 8.63
CA LYS A 220 9.60 8.89 7.57
C LYS A 220 9.84 9.58 6.25
N VAL A 221 10.34 8.82 5.28
CA VAL A 221 10.46 9.31 3.92
C VAL A 221 9.60 8.42 3.01
N ASP A 222 9.24 8.98 1.85
CA ASP A 222 8.51 8.22 0.84
C ASP A 222 9.51 7.40 0.04
N ALA A 223 9.62 6.12 0.37
CA ALA A 223 10.63 5.28 -0.26
C ALA A 223 10.44 5.13 -1.76
N THR A 224 9.23 5.35 -2.30
CA THR A 224 9.07 5.32 -3.76
C THR A 224 9.82 6.44 -4.48
N ALA A 225 10.31 7.45 -3.75
CA ALA A 225 11.01 8.58 -4.36
C ALA A 225 12.51 8.33 -4.54
N ASP A 226 12.97 7.09 -4.34
CA ASP A 226 14.41 6.81 -4.50
C ASP A 226 14.90 7.23 -5.89
N TYR A 227 14.12 6.97 -6.94
CA TYR A 227 14.59 7.35 -8.27
C TYR A 227 14.77 8.85 -8.42
N ILE A 228 14.12 9.66 -7.58
CA ILE A 228 14.30 11.11 -7.59
C ILE A 228 15.44 11.54 -6.67
N CYS A 229 15.50 10.96 -5.46
CA CYS A 229 16.30 11.47 -4.35
C CYS A 229 17.62 10.73 -4.12
N LYS A 230 17.91 9.68 -4.87
CA LYS A 230 19.01 8.78 -4.50
C LYS A 230 20.35 9.48 -4.36
N VAL A 231 20.59 10.52 -5.17
CA VAL A 231 21.85 11.27 -5.03
C VAL A 231 21.99 11.84 -3.63
N LYS A 232 20.91 12.41 -3.10
CA LYS A 232 20.98 13.05 -1.79
C LYS A 232 20.81 12.02 -0.66
N TRP A 233 19.91 11.05 -0.83
CA TRP A 233 19.70 10.03 0.20
C TRP A 233 20.91 9.12 0.37
N GLY A 234 21.65 8.88 -0.71
CA GLY A 234 22.70 7.89 -0.64
C GLY A 234 22.15 6.50 -0.42
N ASP A 235 22.95 5.64 0.22
CA ASP A 235 22.54 4.26 0.45
C ASP A 235 21.72 4.19 1.74
N ILE A 236 20.55 4.83 1.67
CA ILE A 236 19.69 5.03 2.84
C ILE A 236 19.15 3.70 3.31
N GLU A 237 19.04 3.54 4.63
CA GLU A 237 18.55 2.32 5.24
C GLU A 237 17.18 2.55 5.87
N PHE A 238 16.29 1.56 5.75
CA PHE A 238 14.95 1.64 6.32
C PHE A 238 14.83 0.52 7.34
N PRO A 239 14.96 0.81 8.63
CA PRO A 239 15.05 -0.27 9.61
C PRO A 239 13.70 -0.92 9.81
N PRO A 240 13.68 -2.17 10.24
CA PRO A 240 12.43 -2.80 10.61
C PRO A 240 11.90 -2.19 11.89
N PRO A 241 10.61 -2.36 12.17
CA PRO A 241 10.09 -1.90 13.46
C PRO A 241 10.75 -2.64 14.60
N PHE A 242 10.84 -1.99 15.75
CA PHE A 242 11.36 -2.68 16.93
C PHE A 242 10.54 -3.93 17.18
N GLY A 243 11.22 -5.02 17.44
CA GLY A 243 10.57 -6.30 17.61
C GLY A 243 10.67 -7.21 16.40
N ARG A 244 11.27 -6.74 15.30
CA ARG A 244 11.50 -7.56 14.14
C ARG A 244 12.94 -7.43 13.72
N GLU A 245 13.46 -8.47 13.08
CA GLU A 245 14.77 -8.44 12.46
C GLU A 245 14.61 -8.24 10.96
N ALA A 246 15.71 -7.85 10.32
CA ALA A 246 15.80 -7.87 8.87
C ALA A 246 16.43 -9.20 8.43
N TYR A 247 15.90 -9.77 7.34
CA TYR A 247 16.36 -11.08 6.87
C TYR A 247 16.93 -11.01 5.45
N PRO A 248 17.95 -11.84 5.12
CA PRO A 248 18.49 -11.80 3.75
C PRO A 248 17.44 -12.13 2.69
N GLU A 249 16.52 -13.04 3.02
CA GLU A 249 15.48 -13.42 2.08
C GLU A 249 14.55 -12.25 1.77
N GLU A 250 14.32 -11.39 2.76
CA GLU A 250 13.52 -10.20 2.51
C GLU A 250 14.22 -9.26 1.54
N ALA A 251 15.53 -9.06 1.71
CA ALA A 251 16.26 -8.18 0.79
C ALA A 251 16.30 -8.75 -0.62
N TYR A 252 16.41 -10.08 -0.73
CA TYR A 252 16.42 -10.74 -2.04
C TYR A 252 15.10 -10.48 -2.76
N ILE A 253 13.98 -10.68 -2.07
CA ILE A 253 12.68 -10.43 -2.69
C ILE A 253 12.52 -8.95 -3.02
N ALA A 254 12.97 -8.07 -2.12
CA ALA A 254 12.87 -6.64 -2.40
C ALA A 254 13.66 -6.26 -3.66
N ASP A 255 14.81 -6.91 -3.89
CA ASP A 255 15.59 -6.65 -5.09
C ASP A 255 14.85 -7.12 -6.33
N LEU A 256 14.21 -8.29 -6.25
CA LEU A 256 13.34 -8.76 -7.35
C LEU A 256 12.21 -7.78 -7.62
N ASP A 257 11.60 -7.24 -6.57
CA ASP A 257 10.50 -6.30 -6.71
C ASP A 257 10.94 -5.07 -7.47
N ALA A 258 12.20 -4.64 -7.30
CA ALA A 258 12.69 -3.42 -7.93
C ALA A 258 12.93 -3.56 -9.43
N LYS A 259 12.99 -4.78 -9.95
CA LYS A 259 13.49 -5.00 -11.30
C LYS A 259 12.41 -4.99 -12.37
N SER A 260 11.12 -5.06 -12.01
CA SER A 260 10.08 -5.01 -13.03
C SER A 260 8.80 -4.40 -12.47
N GLY A 261 7.78 -4.36 -13.32
CA GLY A 261 6.47 -3.86 -12.92
C GLY A 261 5.70 -4.81 -12.02
N ALA A 262 6.09 -6.08 -12.00
CA ALA A 262 5.45 -7.03 -11.10
C ALA A 262 5.76 -6.68 -9.65
N SER A 263 4.86 -7.08 -8.77
CA SER A 263 4.96 -6.78 -7.35
C SER A 263 5.31 -8.06 -6.60
N LEU A 264 6.39 -8.01 -5.84
CA LEU A 264 6.89 -9.16 -5.10
C LEU A 264 7.28 -8.66 -3.72
N LYS A 265 6.56 -9.11 -2.70
CA LYS A 265 6.71 -8.62 -1.33
C LYS A 265 6.84 -9.79 -0.37
N LEU A 266 7.76 -9.69 0.59
CA LEU A 266 7.87 -10.70 1.62
C LEU A 266 8.35 -10.07 2.93
N THR A 267 7.61 -10.33 3.99
CA THR A 267 7.97 -9.95 5.36
C THR A 267 7.87 -11.19 6.23
N LEU A 268 8.93 -11.52 6.96
CA LEU A 268 8.90 -12.66 7.86
C LEU A 268 8.41 -12.21 9.22
N LEU A 269 7.37 -12.87 9.71
CA LEU A 269 6.78 -12.62 11.02
C LEU A 269 7.33 -13.57 12.07
N ASN A 270 7.45 -14.85 11.73
CA ASN A 270 7.89 -15.88 12.67
C ASN A 270 8.51 -17.01 11.85
N PRO A 271 9.83 -16.95 11.63
CA PRO A 271 10.50 -17.97 10.80
C PRO A 271 10.24 -19.41 11.21
N LYS A 272 9.87 -19.66 12.46
CA LYS A 272 9.60 -21.00 12.91
C LYS A 272 8.12 -21.36 12.85
N GLY A 273 7.25 -20.44 12.43
CA GLY A 273 5.85 -20.76 12.32
C GLY A 273 5.60 -21.89 11.34
N ARG A 274 4.55 -22.67 11.60
CA ARG A 274 4.22 -23.76 10.72
C ARG A 274 3.22 -23.39 9.63
N ILE A 275 2.69 -22.17 9.60
CA ILE A 275 1.72 -21.74 8.59
C ILE A 275 2.40 -20.76 7.65
N TRP A 276 2.53 -21.15 6.38
CA TRP A 276 3.16 -20.31 5.37
C TRP A 276 2.14 -20.00 4.28
N THR A 277 2.22 -18.78 3.75
CA THR A 277 1.34 -18.36 2.66
C THR A 277 2.15 -17.98 1.43
N MET A 278 1.54 -18.18 0.26
CA MET A 278 2.12 -17.71 -0.96
C MET A 278 0.92 -17.29 -1.80
N VAL A 279 0.46 -16.06 -1.54
CA VAL A 279 -0.83 -15.58 -2.05
C VAL A 279 -0.57 -14.47 -3.05
N ALA A 280 -1.37 -14.45 -4.12
CA ALA A 280 -1.31 -13.42 -5.13
C ALA A 280 -2.14 -12.24 -4.68
N GLY A 281 -1.55 -11.06 -4.80
CA GLY A 281 -2.28 -9.81 -4.62
C GLY A 281 -2.15 -9.17 -3.25
N GLY A 282 -2.03 -7.85 -3.23
CA GLY A 282 -2.03 -7.12 -1.97
C GLY A 282 -3.29 -7.38 -1.15
N GLY A 283 -4.46 -7.30 -1.77
CA GLY A 283 -5.70 -7.46 -1.04
C GLY A 283 -5.94 -8.89 -0.57
N ALA A 284 -5.84 -9.85 -1.49
CA ALA A 284 -6.07 -11.24 -1.12
C ALA A 284 -5.10 -11.67 -0.03
N SER A 285 -3.82 -11.30 -0.16
CA SER A 285 -2.84 -11.71 0.84
C SER A 285 -3.24 -11.24 2.24
N VAL A 286 -3.76 -10.02 2.35
CA VAL A 286 -4.27 -9.54 3.63
C VAL A 286 -5.48 -10.35 4.09
N VAL A 287 -6.43 -10.63 3.20
CA VAL A 287 -7.63 -11.39 3.61
C VAL A 287 -7.25 -12.78 4.10
N TYR A 288 -6.36 -13.48 3.38
CA TYR A 288 -5.95 -14.80 3.87
C TYR A 288 -5.28 -14.69 5.24
N SER A 289 -4.43 -13.68 5.43
CA SER A 289 -3.80 -13.48 6.74
C SER A 289 -4.84 -13.22 7.82
N ASP A 290 -5.83 -12.39 7.50
CA ASP A 290 -6.95 -12.15 8.41
C ASP A 290 -7.63 -13.44 8.80
N THR A 291 -7.89 -14.32 7.81
CA THR A 291 -8.61 -15.56 8.07
C THR A 291 -7.79 -16.48 8.95
N ILE A 292 -6.50 -16.59 8.67
CA ILE A 292 -5.62 -17.40 9.48
C ILE A 292 -5.66 -16.95 10.93
N CYS A 293 -5.59 -15.64 11.15
CA CYS A 293 -5.59 -15.14 12.52
C CYS A 293 -6.96 -15.28 13.18
N ASP A 294 -8.03 -15.18 12.40
CA ASP A 294 -9.37 -15.36 12.97
C ASP A 294 -9.57 -16.77 13.47
N LEU A 295 -8.86 -17.73 12.87
CA LEU A 295 -8.94 -19.13 13.26
C LEU A 295 -7.84 -19.52 14.24
N GLY A 296 -7.26 -18.55 14.94
CA GLY A 296 -6.31 -18.82 16.00
C GLY A 296 -4.90 -19.07 15.58
N GLY A 297 -4.52 -18.78 14.34
CA GLY A 297 -3.19 -19.10 13.88
C GLY A 297 -2.14 -18.02 13.97
N VAL A 298 -2.40 -16.90 14.66
CA VAL A 298 -1.46 -15.78 14.61
C VAL A 298 -0.07 -16.19 15.06
N ASN A 299 0.04 -17.02 16.11
CA ASN A 299 1.39 -17.33 16.59
C ASN A 299 2.12 -18.32 15.70
N GLU A 300 1.43 -18.99 14.78
CA GLU A 300 2.09 -19.87 13.84
C GLU A 300 2.25 -19.27 12.44
N LEU A 301 1.72 -18.07 12.18
CA LEU A 301 1.82 -17.46 10.85
C LEU A 301 3.25 -16.98 10.60
N ALA A 302 3.92 -17.60 9.64
CA ALA A 302 5.34 -17.34 9.44
C ALA A 302 5.62 -16.07 8.65
N ASN A 303 4.75 -15.71 7.71
CA ASN A 303 5.08 -14.64 6.78
C ASN A 303 3.84 -13.83 6.41
N TYR A 304 4.09 -12.60 5.98
CA TYR A 304 3.15 -11.85 5.15
C TYR A 304 3.84 -11.56 3.83
N GLY A 305 3.11 -11.72 2.73
CA GLY A 305 3.68 -11.35 1.45
C GLY A 305 2.69 -11.55 0.32
N GLU A 306 3.13 -11.16 -0.87
CA GLU A 306 2.30 -11.38 -2.05
C GLU A 306 3.17 -11.28 -3.30
N TYR A 307 2.71 -11.95 -4.35
CA TYR A 307 3.21 -11.71 -5.70
C TYR A 307 2.02 -11.34 -6.59
N SER A 308 2.24 -10.47 -7.56
CA SER A 308 1.12 -10.00 -8.39
C SER A 308 1.67 -9.16 -9.52
N GLY A 309 0.76 -8.65 -10.37
CA GLY A 309 1.15 -7.86 -11.54
C GLY A 309 1.79 -8.67 -12.63
N ALA A 310 1.29 -9.89 -12.86
CA ALA A 310 1.73 -10.75 -13.95
C ALA A 310 3.25 -10.98 -13.96
N PRO A 311 3.82 -11.50 -12.89
CA PRO A 311 5.22 -11.91 -12.91
C PRO A 311 5.42 -13.10 -13.84
N SER A 312 6.64 -13.26 -14.31
CA SER A 312 6.96 -14.36 -15.22
C SER A 312 7.11 -15.67 -14.47
N GLU A 313 7.17 -16.76 -15.24
CA GLU A 313 7.45 -18.06 -14.65
C GLU A 313 8.72 -18.02 -13.82
N GLN A 314 9.77 -17.37 -14.34
CA GLN A 314 11.04 -17.35 -13.64
C GLN A 314 10.95 -16.54 -12.35
N GLN A 315 10.32 -15.36 -12.42
CA GLN A 315 10.18 -14.53 -11.24
C GLN A 315 9.41 -15.28 -10.16
N THR A 316 8.37 -16.01 -10.55
CA THR A 316 7.56 -16.71 -9.59
C THR A 316 8.32 -17.90 -9.01
N TYR A 317 9.10 -18.58 -9.86
CA TYR A 317 9.98 -19.64 -9.36
C TYR A 317 10.95 -19.11 -8.31
N ASP A 318 11.55 -17.96 -8.58
CA ASP A 318 12.52 -17.39 -7.64
C ASP A 318 11.85 -16.93 -6.35
N TYR A 319 10.64 -16.39 -6.46
CA TYR A 319 9.83 -16.09 -5.28
C TYR A 319 9.52 -17.36 -4.50
N ALA A 320 8.97 -18.35 -5.18
CA ALA A 320 8.53 -19.54 -4.46
C ALA A 320 9.69 -20.25 -3.79
N LYS A 321 10.83 -20.38 -4.48
CA LYS A 321 11.92 -21.13 -3.89
C LYS A 321 12.42 -20.49 -2.63
N THR A 322 12.31 -19.17 -2.54
CA THR A 322 12.68 -18.49 -1.30
C THR A 322 11.82 -18.95 -0.14
N ILE A 323 10.51 -19.05 -0.36
CA ILE A 323 9.58 -19.50 0.67
C ILE A 323 9.83 -20.95 1.03
N LEU A 324 10.02 -21.81 0.03
CA LEU A 324 10.19 -23.22 0.33
C LEU A 324 11.49 -23.48 1.08
N SER A 325 12.51 -22.70 0.77
CA SER A 325 13.76 -22.75 1.51
C SER A 325 13.52 -22.34 2.96
N LEU A 326 12.84 -21.20 3.16
CA LEU A 326 12.54 -20.72 4.50
C LEU A 326 11.69 -21.70 5.30
N MET A 327 10.80 -22.46 4.68
CA MET A 327 9.95 -23.31 5.51
C MET A 327 10.53 -24.69 5.74
N THR A 328 11.73 -24.99 5.21
CA THR A 328 12.38 -26.28 5.41
C THR A 328 13.73 -26.10 6.11
N ARG A 329 13.79 -25.17 7.07
CA ARG A 329 15.00 -24.95 7.85
C ARG A 329 15.03 -25.81 9.11
N GLU A 330 13.90 -25.93 9.81
CA GLU A 330 13.80 -26.78 11.00
C GLU A 330 12.41 -27.41 11.06
N LYS A 331 12.35 -28.63 11.58
CA LYS A 331 11.11 -29.38 11.56
C LYS A 331 10.17 -28.94 12.67
N HIS A 332 8.89 -29.17 12.43
CA HIS A 332 7.86 -28.93 13.40
C HIS A 332 7.15 -30.24 13.71
N PRO A 333 6.88 -30.53 14.99
CA PRO A 333 6.23 -31.81 15.32
C PRO A 333 5.02 -32.11 14.47
N ASP A 334 4.17 -31.11 14.24
CA ASP A 334 2.90 -31.28 13.54
C ASP A 334 2.99 -30.98 12.04
N GLY A 335 4.19 -30.98 11.48
CA GLY A 335 4.34 -30.66 10.08
C GLY A 335 4.01 -29.19 9.85
N LYS A 336 3.89 -28.82 8.56
CA LYS A 336 3.67 -27.43 8.19
C LYS A 336 2.63 -27.36 7.07
N ILE A 337 2.13 -26.14 6.84
CA ILE A 337 1.05 -25.87 5.89
C ILE A 337 1.51 -24.75 4.97
N LEU A 338 1.24 -24.90 3.68
CA LEU A 338 1.53 -23.88 2.69
C LEU A 338 0.21 -23.54 1.99
N ILE A 339 -0.18 -22.27 2.04
CA ILE A 339 -1.45 -21.81 1.51
C ILE A 339 -1.14 -21.02 0.25
N ILE A 340 -1.49 -21.59 -0.91
CA ILE A 340 -1.23 -20.96 -2.19
C ILE A 340 -2.58 -20.46 -2.71
N GLY A 341 -2.91 -19.20 -2.44
CA GLY A 341 -4.24 -18.69 -2.65
C GLY A 341 -4.24 -17.43 -3.49
N GLY A 342 -5.45 -16.94 -3.70
CA GLY A 342 -5.61 -15.71 -4.46
C GLY A 342 -7.05 -15.53 -4.87
N SER A 343 -7.31 -14.32 -5.37
CA SER A 343 -8.59 -14.05 -5.98
C SER A 343 -8.66 -14.70 -7.36
N ILE A 344 -9.76 -14.44 -8.04
CA ILE A 344 -9.83 -14.63 -9.48
C ILE A 344 -9.04 -13.48 -10.12
N ALA A 345 -7.84 -13.76 -10.59
CA ALA A 345 -6.99 -12.70 -11.14
C ALA A 345 -7.62 -12.02 -12.36
N ASN A 346 -7.32 -10.72 -12.50
CA ASN A 346 -7.66 -9.94 -13.70
C ASN A 346 -6.72 -10.24 -14.85
N PHE A 347 -5.40 -10.35 -14.60
CA PHE A 347 -4.54 -10.53 -15.76
C PHE A 347 -3.25 -11.30 -15.49
N THR A 348 -2.91 -11.57 -14.23
CA THR A 348 -1.81 -12.49 -13.95
C THR A 348 -2.08 -13.82 -14.64
N ASN A 349 -1.05 -14.36 -15.28
CA ASN A 349 -1.16 -15.63 -16.00
C ASN A 349 -1.00 -16.75 -14.97
N VAL A 350 -2.11 -17.40 -14.62
CA VAL A 350 -2.10 -18.37 -13.54
C VAL A 350 -1.30 -19.59 -13.96
N ALA A 351 -1.32 -19.93 -15.24
CA ALA A 351 -0.57 -21.09 -15.71
C ALA A 351 0.93 -20.82 -15.60
N ALA A 352 1.38 -19.68 -16.10
CA ALA A 352 2.81 -19.36 -16.05
C ALA A 352 3.31 -19.26 -14.62
N THR A 353 2.55 -18.61 -13.74
CA THR A 353 3.00 -18.45 -12.36
C THR A 353 2.97 -19.76 -11.60
N PHE A 354 1.90 -20.53 -11.76
CA PHE A 354 1.82 -21.81 -11.08
C PHE A 354 2.85 -22.78 -11.63
N LYS A 355 3.19 -22.70 -12.92
CA LYS A 355 4.30 -23.52 -13.42
C LYS A 355 5.61 -23.20 -12.70
N GLY A 356 5.88 -21.91 -12.44
CA GLY A 356 7.09 -21.57 -11.69
C GLY A 356 7.07 -22.12 -10.28
N ILE A 357 5.91 -22.06 -9.61
CA ILE A 357 5.81 -22.61 -8.26
C ILE A 357 5.98 -24.11 -8.28
N VAL A 358 5.40 -24.75 -9.29
CA VAL A 358 5.50 -26.20 -9.40
C VAL A 358 6.96 -26.59 -9.58
N ARG A 359 7.71 -25.78 -10.33
CA ARG A 359 9.11 -26.10 -10.55
C ARG A 359 9.89 -26.00 -9.24
N ALA A 360 9.55 -25.01 -8.41
CA ALA A 360 10.16 -24.89 -7.09
C ALA A 360 9.79 -26.06 -6.21
N ILE A 361 8.51 -26.45 -6.22
CA ILE A 361 8.06 -27.59 -5.43
C ILE A 361 8.85 -28.84 -5.83
N ARG A 362 9.01 -29.04 -7.14
CA ARG A 362 9.78 -30.20 -7.60
C ARG A 362 11.20 -30.14 -7.07
N ASP A 363 11.85 -28.98 -7.18
CA ASP A 363 13.23 -28.84 -6.76
C ASP A 363 13.40 -29.03 -5.26
N TYR A 364 12.34 -28.79 -4.48
CA TYR A 364 12.41 -28.88 -3.02
C TYR A 364 11.59 -30.05 -2.50
N GLN A 365 11.27 -31.03 -3.35
CA GLN A 365 10.36 -32.08 -2.92
C GLN A 365 10.93 -32.90 -1.78
N GLY A 366 12.24 -33.08 -1.76
CA GLY A 366 12.88 -33.82 -0.69
C GLY A 366 12.65 -33.16 0.66
N PRO A 367 13.16 -31.93 0.80
CA PRO A 367 12.88 -31.17 2.03
C PRO A 367 11.40 -31.04 2.36
N LEU A 368 10.53 -30.84 1.36
CA LEU A 368 9.12 -30.65 1.65
C LEU A 368 8.51 -31.91 2.24
N LYS A 369 8.94 -33.09 1.79
CA LYS A 369 8.42 -34.32 2.40
C LYS A 369 9.01 -34.53 3.80
N GLU A 370 10.32 -34.29 3.96
CA GLU A 370 10.94 -34.39 5.29
C GLU A 370 10.25 -33.51 6.32
N HIS A 371 9.74 -32.34 5.92
CA HIS A 371 9.11 -31.42 6.85
C HIS A 371 7.61 -31.58 6.93
N GLU A 372 7.06 -32.57 6.23
CA GLU A 372 5.65 -32.93 6.35
C GLU A 372 4.75 -31.74 6.01
N VAL A 373 5.04 -31.14 4.87
CA VAL A 373 4.28 -29.99 4.37
C VAL A 373 3.04 -30.49 3.63
N THR A 374 1.88 -29.90 3.93
CA THR A 374 0.65 -30.10 3.19
C THR A 374 0.30 -28.78 2.52
N ILE A 375 -0.10 -28.86 1.24
CA ILE A 375 -0.29 -27.69 0.40
C ILE A 375 -1.76 -27.60 0.02
N PHE A 376 -2.31 -26.40 0.15
CA PHE A 376 -3.69 -26.11 -0.24
C PHE A 376 -3.64 -24.97 -1.25
N VAL A 377 -4.41 -25.10 -2.34
CA VAL A 377 -4.38 -24.19 -3.48
C VAL A 377 -5.80 -23.74 -3.78
N ARG A 378 -5.97 -22.44 -3.99
CA ARG A 378 -7.22 -21.92 -4.52
C ARG A 378 -6.90 -20.73 -5.41
N ARG A 379 -7.38 -20.77 -6.64
CA ARG A 379 -7.00 -19.74 -7.59
C ARG A 379 -7.95 -19.71 -8.78
N GLY A 380 -8.22 -18.50 -9.26
CA GLY A 380 -8.82 -18.30 -10.57
C GLY A 380 -8.02 -17.25 -11.32
N GLY A 381 -8.41 -17.04 -12.59
CA GLY A 381 -7.79 -16.07 -13.45
C GLY A 381 -7.38 -16.66 -14.80
N PRO A 382 -6.65 -15.87 -15.60
CA PRO A 382 -6.26 -16.35 -16.92
C PRO A 382 -5.50 -17.67 -16.87
N ASN A 383 -6.01 -18.64 -17.63
CA ASN A 383 -5.42 -19.98 -17.75
C ASN A 383 -5.36 -20.71 -16.40
N TYR A 384 -6.30 -20.44 -15.50
CA TYR A 384 -6.18 -21.08 -14.19
C TYR A 384 -6.41 -22.57 -14.25
N GLN A 385 -7.17 -23.04 -15.24
CA GLN A 385 -7.42 -24.48 -15.28
C GLN A 385 -6.12 -25.24 -15.50
N GLU A 386 -5.26 -24.76 -16.38
CA GLU A 386 -3.97 -25.41 -16.58
C GLU A 386 -3.08 -25.26 -15.35
N GLY A 387 -3.16 -24.10 -14.68
CA GLY A 387 -2.43 -23.92 -13.43
C GLY A 387 -2.82 -24.93 -12.38
N LEU A 388 -4.13 -25.14 -12.21
CA LEU A 388 -4.58 -26.09 -11.21
C LEU A 388 -4.18 -27.52 -11.59
N ARG A 389 -4.22 -27.84 -12.88
CA ARG A 389 -3.80 -29.17 -13.34
C ARG A 389 -2.36 -29.44 -12.96
N VAL A 390 -1.45 -28.48 -13.20
CA VAL A 390 -0.05 -28.78 -12.96
C VAL A 390 0.21 -28.88 -11.46
N MET A 391 -0.59 -28.16 -10.64
CA MET A 391 -0.48 -28.33 -9.21
C MET A 391 -0.87 -29.73 -8.78
N GLY A 392 -2.04 -30.19 -9.23
CA GLY A 392 -2.43 -31.56 -8.96
C GLY A 392 -1.36 -32.55 -9.39
N GLU A 393 -0.78 -32.32 -10.56
CA GLU A 393 0.19 -33.25 -11.13
C GLU A 393 1.47 -33.33 -10.29
N VAL A 394 2.00 -32.20 -9.84
CA VAL A 394 3.24 -32.27 -9.06
C VAL A 394 2.99 -32.96 -7.74
N GLY A 395 1.78 -32.81 -7.19
CA GLY A 395 1.46 -33.56 -5.99
C GLY A 395 1.50 -35.06 -6.24
N LYS A 396 0.97 -35.50 -7.39
CA LYS A 396 0.99 -36.92 -7.73
C LYS A 396 2.40 -37.42 -7.94
N THR A 397 3.24 -36.63 -8.60
CA THR A 397 4.57 -37.12 -8.94
C THR A 397 5.56 -37.04 -7.79
N THR A 398 5.34 -36.18 -6.81
CA THR A 398 6.24 -36.07 -5.67
C THR A 398 5.77 -36.85 -4.44
N GLY A 399 4.49 -37.17 -4.37
CA GLY A 399 3.92 -37.69 -3.16
C GLY A 399 3.59 -36.66 -2.10
N ILE A 400 3.82 -35.37 -2.36
CA ILE A 400 3.43 -34.31 -1.42
C ILE A 400 1.91 -34.15 -1.48
N PRO A 401 1.21 -34.10 -0.35
CA PRO A 401 -0.25 -33.91 -0.40
C PRO A 401 -0.60 -32.47 -0.77
N ILE A 402 -1.36 -32.32 -1.85
CA ILE A 402 -1.78 -31.02 -2.38
C ILE A 402 -3.25 -31.12 -2.71
N HIS A 403 -4.03 -30.19 -2.18
CA HIS A 403 -5.48 -30.14 -2.36
C HIS A 403 -5.79 -28.90 -3.17
N VAL A 404 -6.36 -29.08 -4.36
CA VAL A 404 -6.39 -28.03 -5.39
C VAL A 404 -7.84 -27.64 -5.68
N PHE A 405 -8.13 -26.34 -5.54
CA PHE A 405 -9.46 -25.77 -5.71
C PHE A 405 -9.42 -24.56 -6.65
N GLY A 406 -10.55 -24.31 -7.29
CA GLY A 406 -10.70 -23.23 -8.26
C GLY A 406 -11.78 -22.24 -7.90
N THR A 407 -12.44 -21.70 -8.91
CA THR A 407 -13.36 -20.57 -8.72
C THR A 407 -14.65 -20.98 -8.03
N GLU A 408 -14.96 -22.26 -7.98
CA GLU A 408 -16.17 -22.72 -7.34
C GLU A 408 -15.98 -22.91 -5.83
N THR A 409 -14.78 -22.68 -5.31
CA THR A 409 -14.52 -22.72 -3.88
C THR A 409 -14.36 -21.28 -3.37
N HIS A 410 -15.03 -20.95 -2.28
CA HIS A 410 -14.84 -19.64 -1.66
C HIS A 410 -13.36 -19.39 -1.37
N MET A 411 -12.92 -18.15 -1.62
CA MET A 411 -11.49 -17.85 -1.66
C MET A 411 -10.73 -18.34 -0.42
N THR A 412 -11.27 -18.10 0.77
CA THR A 412 -10.52 -18.44 1.99
C THR A 412 -10.88 -19.78 2.59
N ALA A 413 -11.74 -20.57 1.94
CA ALA A 413 -12.17 -21.83 2.52
C ALA A 413 -10.99 -22.75 2.80
N ILE A 414 -9.93 -22.69 2.00
CA ILE A 414 -8.79 -23.56 2.21
C ILE A 414 -8.08 -23.28 3.54
N VAL A 415 -8.24 -22.09 4.11
CA VAL A 415 -7.60 -21.86 5.39
C VAL A 415 -8.21 -22.76 6.47
N GLY A 416 -9.54 -22.76 6.57
CA GLY A 416 -10.21 -23.65 7.50
C GLY A 416 -9.90 -25.10 7.24
N MET A 417 -9.85 -25.49 5.96
CA MET A 417 -9.46 -26.87 5.64
C MET A 417 -8.10 -27.17 6.21
N ALA A 418 -7.13 -26.28 5.97
CA ALA A 418 -5.75 -26.57 6.32
C ALA A 418 -5.58 -26.67 7.82
N LEU A 419 -6.35 -25.89 8.57
CA LEU A 419 -6.24 -25.84 10.02
C LEU A 419 -7.19 -26.81 10.72
N GLY A 420 -7.94 -27.61 9.97
CA GLY A 420 -8.79 -28.62 10.56
C GLY A 420 -10.15 -28.16 11.02
N HIS A 421 -10.52 -26.92 10.73
CA HIS A 421 -11.81 -26.43 11.18
C HIS A 421 -12.97 -26.87 10.29
N ARG A 422 -12.68 -27.41 9.11
CA ARG A 422 -13.74 -27.84 8.21
C ARG A 422 -13.21 -28.97 7.35
N PRO A 423 -14.08 -29.87 6.87
CA PRO A 423 -13.61 -30.98 6.04
C PRO A 423 -13.16 -30.51 4.66
N ILE A 424 -12.28 -31.32 4.07
CA ILE A 424 -11.80 -31.12 2.71
C ILE A 424 -12.84 -31.63 1.73
N PRO A 425 -13.43 -30.80 0.88
CA PRO A 425 -14.47 -31.27 -0.04
C PRO A 425 -13.91 -31.70 -1.39
N GLU A 426 -13.56 -32.99 -1.52
CA GLU A 426 -13.01 -33.48 -2.79
C GLU A 426 -13.96 -33.30 -3.97
N ASN A 427 -15.27 -33.12 -3.72
CA ASN A 427 -16.20 -32.89 -4.81
C ASN A 427 -16.00 -31.52 -5.47
N LEU A 428 -15.15 -30.66 -4.91
CA LEU A 428 -14.88 -29.37 -5.50
C LEU A 428 -13.51 -29.28 -6.17
N TYR A 429 -12.73 -30.36 -6.14
CA TYR A 429 -11.38 -30.30 -6.70
C TYR A 429 -11.41 -29.81 -8.14
N PHE A 430 -10.47 -28.91 -8.48
CA PHE A 430 -10.13 -28.45 -9.83
C PHE A 430 -11.19 -27.55 -10.45
N GLN A 431 -12.21 -27.12 -9.71
CA GLN A 431 -13.30 -26.35 -10.32
C GLN A 431 -13.25 -24.87 -9.93
N SER B 1 -16.85 15.98 -4.73
CA SER B 1 -17.71 15.29 -5.69
C SER B 1 -17.52 15.85 -7.10
N LYS B 2 -17.29 14.98 -8.07
CA LYS B 2 -17.22 15.45 -9.43
C LYS B 2 -18.39 14.82 -10.18
N SER B 3 -18.18 14.43 -11.44
CA SER B 3 -19.27 13.85 -12.23
C SER B 3 -19.87 12.61 -11.58
N THR B 4 -21.20 12.48 -11.70
CA THR B 4 -21.88 11.27 -11.24
C THR B 4 -21.62 10.11 -12.21
N THR B 5 -21.53 10.41 -13.49
CA THR B 5 -21.44 9.37 -14.52
C THR B 5 -20.15 9.56 -15.29
N LEU B 6 -19.28 8.56 -15.21
CA LEU B 6 -18.00 8.63 -15.87
C LEU B 6 -18.04 7.98 -17.23
N PHE B 7 -18.76 6.86 -17.35
CA PHE B 7 -18.72 6.02 -18.53
C PHE B 7 -20.12 5.71 -19.03
N SER B 8 -20.20 5.45 -20.34
CA SER B 8 -21.43 5.00 -20.99
C SER B 8 -21.04 4.03 -22.08
N ARG B 9 -22.05 3.44 -22.75
CA ARG B 9 -21.78 2.58 -23.90
C ARG B 9 -21.27 3.34 -25.11
N HIS B 10 -21.18 4.67 -25.06
CA HIS B 10 -20.58 5.46 -26.12
C HIS B 10 -19.18 6.01 -25.75
N THR B 11 -18.71 5.74 -24.54
CA THR B 11 -17.40 6.23 -24.13
C THR B 11 -16.34 5.81 -25.12
N LYS B 12 -15.48 6.76 -25.51
CA LYS B 12 -14.25 6.47 -26.26
C LYS B 12 -13.02 6.89 -25.46
N ALA B 13 -11.99 6.05 -25.49
CA ALA B 13 -10.78 6.25 -24.68
C ALA B 13 -9.54 6.27 -25.56
N ILE B 14 -8.52 6.99 -25.07
CA ILE B 14 -7.14 6.86 -25.51
C ILE B 14 -6.41 6.05 -24.47
N VAL B 15 -5.60 5.10 -24.91
CA VAL B 15 -4.73 4.32 -24.06
C VAL B 15 -3.30 4.78 -24.27
N TRP B 16 -2.64 5.19 -23.20
CA TRP B 16 -1.23 5.58 -23.22
C TRP B 16 -0.43 4.35 -22.87
N GLY B 17 0.35 3.85 -23.83
CA GLY B 17 1.17 2.68 -23.62
C GLY B 17 0.99 1.68 -24.75
N MET B 18 1.91 0.74 -24.88
CA MET B 18 1.79 -0.32 -25.87
C MET B 18 1.21 -1.51 -25.11
N GLN B 19 -0.11 -1.50 -24.95
CA GLN B 19 -0.80 -2.49 -24.14
C GLN B 19 -1.83 -3.19 -25.02
N THR B 20 -1.36 -3.95 -26.01
CA THR B 20 -2.28 -4.53 -26.98
C THR B 20 -3.19 -5.58 -26.36
N ARG B 21 -2.69 -6.39 -25.41
CA ARG B 21 -3.56 -7.39 -24.80
C ARG B 21 -4.67 -6.74 -24.00
N ALA B 22 -4.37 -5.67 -23.27
CA ALA B 22 -5.41 -4.98 -22.50
C ALA B 22 -6.45 -4.34 -23.40
N VAL B 23 -6.00 -3.67 -24.47
CA VAL B 23 -6.92 -3.09 -25.45
C VAL B 23 -7.80 -4.17 -26.07
N GLN B 24 -7.21 -5.29 -26.47
CA GLN B 24 -8.04 -6.33 -27.07
C GLN B 24 -9.02 -6.89 -26.05
N GLY B 25 -8.64 -6.98 -24.78
CA GLY B 25 -9.59 -7.38 -23.76
C GLY B 25 -10.76 -6.41 -23.67
N MET B 26 -10.47 -5.11 -23.72
CA MET B 26 -11.56 -4.14 -23.73
C MET B 26 -12.48 -4.37 -24.91
N LEU B 27 -11.91 -4.57 -26.11
CA LEU B 27 -12.72 -4.77 -27.30
C LEU B 27 -13.56 -6.05 -27.22
N ASP B 28 -13.03 -7.11 -26.59
CA ASP B 28 -13.81 -8.35 -26.42
C ASP B 28 -15.02 -8.08 -25.54
N PHE B 29 -14.80 -7.33 -24.47
CA PHE B 29 -15.87 -6.90 -23.60
C PHE B 29 -16.88 -6.02 -24.35
N ASP B 30 -16.38 -5.04 -25.13
CA ASP B 30 -17.26 -4.14 -25.87
C ASP B 30 -18.20 -4.93 -26.76
N TYR B 31 -17.65 -5.94 -27.43
CA TYR B 31 -18.42 -6.71 -28.40
C TYR B 31 -19.54 -7.52 -27.73
N VAL B 32 -19.23 -8.27 -26.67
CA VAL B 32 -20.29 -9.04 -26.00
C VAL B 32 -21.29 -8.15 -25.27
N CYS B 33 -20.93 -6.91 -24.95
CA CYS B 33 -21.88 -5.93 -24.43
C CYS B 33 -22.74 -5.31 -25.51
N SER B 34 -22.50 -5.64 -26.76
CA SER B 34 -23.27 -5.09 -27.87
C SER B 34 -23.07 -3.59 -28.03
N ARG B 35 -21.87 -3.09 -27.75
CA ARG B 35 -21.54 -1.72 -28.08
C ARG B 35 -21.55 -1.55 -29.60
N ASP B 36 -21.90 -0.35 -30.04
CA ASP B 36 -21.86 -0.04 -31.46
C ASP B 36 -20.42 0.01 -31.97
N GLU B 37 -19.51 0.51 -31.14
CA GLU B 37 -18.16 0.81 -31.60
C GLU B 37 -17.15 0.43 -30.53
N PRO B 38 -15.91 0.12 -30.93
CA PRO B 38 -14.84 -0.12 -29.94
C PRO B 38 -14.72 1.03 -28.95
N SER B 39 -14.35 0.70 -27.71
CA SER B 39 -14.15 1.72 -26.69
C SER B 39 -12.79 2.41 -26.78
N VAL B 40 -11.84 1.87 -27.52
CA VAL B 40 -10.51 2.48 -27.67
C VAL B 40 -10.42 3.09 -29.05
N ALA B 41 -10.33 4.41 -29.09
CA ALA B 41 -10.21 5.14 -30.32
C ALA B 41 -8.79 5.27 -30.81
N ALA B 42 -7.82 5.32 -29.90
CA ALA B 42 -6.44 5.54 -30.28
C ALA B 42 -5.52 5.17 -29.12
N MET B 43 -4.25 4.89 -29.47
CA MET B 43 -3.20 4.72 -28.47
C MET B 43 -2.13 5.79 -28.66
N VAL B 44 -1.45 6.10 -27.57
CA VAL B 44 -0.29 6.98 -27.56
C VAL B 44 0.90 6.20 -27.03
N TYR B 45 2.00 6.18 -27.79
CA TYR B 45 3.18 5.48 -27.30
C TYR B 45 4.39 6.20 -27.88
N PRO B 46 5.20 6.87 -27.05
CA PRO B 46 6.25 7.71 -27.61
C PRO B 46 7.47 6.92 -28.07
N PHE B 47 7.58 5.64 -27.72
CA PHE B 47 8.77 4.88 -28.08
C PHE B 47 8.72 4.35 -29.51
N THR B 48 7.58 4.43 -30.19
CA THR B 48 7.48 4.09 -31.60
C THR B 48 6.97 5.30 -32.37
N GLY B 49 7.15 5.29 -33.70
CA GLY B 49 6.51 6.31 -34.52
C GLY B 49 5.00 6.02 -34.72
N ASP B 50 4.29 6.97 -35.33
CA ASP B 50 2.89 6.77 -35.71
C ASP B 50 2.77 5.50 -36.53
N HIS B 51 1.76 4.69 -36.24
CA HIS B 51 1.47 3.49 -37.02
C HIS B 51 0.06 3.03 -36.67
N LYS B 52 -0.39 1.95 -37.29
CA LYS B 52 -1.67 1.34 -36.96
C LYS B 52 -1.44 -0.05 -36.38
N GLN B 53 -2.22 -0.40 -35.36
CA GLN B 53 -2.19 -1.72 -34.77
C GLN B 53 -3.46 -2.49 -35.16
N LYS B 54 -3.28 -3.76 -35.47
CA LYS B 54 -4.41 -4.62 -35.77
C LYS B 54 -5.04 -5.12 -34.49
N PHE B 55 -6.37 -5.03 -34.43
CA PHE B 55 -7.19 -5.60 -33.36
C PHE B 55 -8.38 -6.31 -33.99
N TYR B 56 -9.16 -6.99 -33.16
CA TYR B 56 -10.30 -7.76 -33.62
C TYR B 56 -11.58 -7.22 -33.01
N TRP B 57 -12.55 -6.95 -33.86
CA TRP B 57 -13.91 -6.61 -33.45
C TRP B 57 -14.75 -7.84 -33.79
N GLY B 58 -15.07 -8.65 -32.79
CA GLY B 58 -15.56 -9.99 -33.10
C GLY B 58 -14.53 -10.69 -33.97
N HIS B 59 -14.98 -11.23 -35.11
CA HIS B 59 -14.08 -11.96 -35.99
C HIS B 59 -13.35 -11.05 -36.98
N LYS B 60 -13.67 -9.76 -36.96
CA LYS B 60 -13.23 -8.85 -37.99
C LYS B 60 -11.99 -8.10 -37.52
N GLU B 61 -10.94 -8.16 -38.33
CA GLU B 61 -9.74 -7.38 -38.10
C GLU B 61 -10.01 -5.91 -38.37
N ILE B 62 -9.64 -5.05 -37.42
CA ILE B 62 -9.79 -3.60 -37.54
C ILE B 62 -8.45 -2.97 -37.19
N LEU B 63 -8.34 -1.67 -37.43
CA LEU B 63 -7.11 -0.93 -37.17
C LEU B 63 -7.39 0.16 -36.15
N ILE B 64 -6.51 0.28 -35.15
CA ILE B 64 -6.56 1.36 -34.18
C ILE B 64 -5.26 2.14 -34.33
N PRO B 65 -5.33 3.46 -34.49
CA PRO B 65 -4.13 4.26 -34.72
C PRO B 65 -3.33 4.40 -33.44
N VAL B 66 -2.01 4.37 -33.59
CA VAL B 66 -1.08 4.64 -32.51
C VAL B 66 -0.30 5.90 -32.86
N PHE B 67 -0.28 6.86 -31.94
CA PHE B 67 0.33 8.17 -32.14
C PHE B 67 1.56 8.32 -31.26
N LYS B 68 2.65 8.87 -31.80
CA LYS B 68 3.82 9.11 -30.96
C LYS B 68 3.56 10.26 -29.98
N ASN B 69 2.76 11.24 -30.40
CA ASN B 69 2.50 12.47 -29.62
C ASN B 69 1.05 12.53 -29.17
N MET B 70 0.84 12.82 -27.90
CA MET B 70 -0.52 12.98 -27.35
C MET B 70 -1.31 14.03 -28.11
N ALA B 71 -0.67 15.13 -28.50
CA ALA B 71 -1.41 16.22 -29.13
C ALA B 71 -2.06 15.76 -30.43
N ASP B 72 -1.38 14.89 -31.18
CA ASP B 72 -1.99 14.40 -32.42
C ASP B 72 -3.18 13.51 -32.14
N ALA B 73 -3.05 12.60 -31.15
CA ALA B 73 -4.17 11.74 -30.81
C ALA B 73 -5.38 12.55 -30.40
N MET B 74 -5.19 13.55 -29.53
CA MET B 74 -6.32 14.32 -29.06
C MET B 74 -7.00 15.05 -30.20
N ARG B 75 -6.19 15.66 -31.08
CA ARG B 75 -6.73 16.45 -32.18
C ARG B 75 -7.56 15.57 -33.12
N LYS B 76 -7.05 14.39 -33.46
CA LYS B 76 -7.75 13.50 -34.38
C LYS B 76 -8.96 12.82 -33.76
N HIS B 77 -9.08 12.78 -32.42
CA HIS B 77 -10.16 12.06 -31.74
C HIS B 77 -10.83 12.94 -30.68
N PRO B 78 -11.53 13.98 -31.13
CA PRO B 78 -12.26 14.85 -30.18
C PRO B 78 -13.36 14.15 -29.42
N GLU B 79 -13.83 13.00 -29.91
CA GLU B 79 -14.86 12.23 -29.21
C GLU B 79 -14.35 11.59 -27.92
N VAL B 80 -13.04 11.56 -27.71
CA VAL B 80 -12.48 10.85 -26.57
C VAL B 80 -12.61 11.69 -25.31
N ASP B 81 -13.14 11.11 -24.22
CA ASP B 81 -13.18 11.85 -22.95
C ASP B 81 -12.54 11.09 -21.79
N VAL B 82 -11.88 9.97 -22.06
CA VAL B 82 -11.21 9.13 -21.07
C VAL B 82 -9.81 8.81 -21.56
N LEU B 83 -8.84 8.90 -20.66
CA LEU B 83 -7.50 8.39 -20.94
C LEU B 83 -7.15 7.33 -19.90
N ILE B 84 -6.68 6.19 -20.36
CA ILE B 84 -6.15 5.13 -19.51
C ILE B 84 -4.64 5.17 -19.64
N ASN B 85 -3.94 5.46 -18.53
CA ASN B 85 -2.50 5.71 -18.56
C ASN B 85 -1.72 4.51 -18.04
N PHE B 86 -1.06 3.78 -18.94
CA PHE B 86 -0.15 2.71 -18.56
C PHE B 86 1.33 3.13 -18.51
N ALA B 87 1.62 4.42 -18.52
CA ALA B 87 2.99 4.90 -18.32
C ALA B 87 3.63 4.28 -17.10
N SER B 88 4.94 4.01 -17.18
CA SER B 88 5.68 3.53 -16.01
C SER B 88 5.68 4.59 -14.92
N LEU B 89 6.03 4.17 -13.69
CA LEU B 89 5.97 5.08 -12.55
C LEU B 89 6.83 6.31 -12.79
N ARG B 90 7.86 6.18 -13.64
CA ARG B 90 8.80 7.28 -13.83
C ARG B 90 8.20 8.42 -14.61
N SER B 91 7.25 8.14 -15.51
CA SER B 91 6.71 9.15 -16.40
C SER B 91 5.21 9.29 -16.28
N ALA B 92 4.60 8.56 -15.33
CA ALA B 92 3.16 8.66 -15.16
C ALA B 92 2.75 10.07 -14.73
N TYR B 93 3.55 10.71 -13.89
CA TYR B 93 3.22 12.07 -13.44
C TYR B 93 3.15 13.05 -14.61
N ASP B 94 4.20 13.09 -15.43
CA ASP B 94 4.24 14.05 -16.52
C ASP B 94 3.16 13.78 -17.54
N SER B 95 2.95 12.51 -17.91
CA SER B 95 1.94 12.24 -18.93
C SER B 95 0.53 12.53 -18.41
N THR B 96 0.29 12.30 -17.12
CA THR B 96 -1.02 12.60 -16.57
C THR B 96 -1.23 14.10 -16.51
N MET B 97 -0.22 14.86 -16.08
CA MET B 97 -0.35 16.32 -16.09
C MET B 97 -0.61 16.84 -17.50
N GLU B 98 0.07 16.26 -18.50
CA GLU B 98 -0.13 16.66 -19.88
C GLU B 98 -1.56 16.38 -20.34
N THR B 99 -2.08 15.20 -19.99
CA THR B 99 -3.46 14.85 -20.35
C THR B 99 -4.43 15.90 -19.86
N MET B 100 -4.19 16.42 -18.65
CA MET B 100 -5.10 17.42 -18.11
C MET B 100 -4.99 18.80 -18.77
N ASN B 101 -4.12 19.00 -19.77
CA ASN B 101 -4.18 20.20 -20.59
C ASN B 101 -5.20 20.09 -21.71
N TYR B 102 -5.87 18.95 -21.84
CA TYR B 102 -6.88 18.74 -22.87
C TYR B 102 -8.25 18.69 -22.23
N ALA B 103 -9.04 19.74 -22.45
CA ALA B 103 -10.34 19.90 -21.83
C ALA B 103 -11.31 18.76 -22.20
N GLN B 104 -11.07 18.03 -23.26
CA GLN B 104 -11.99 16.96 -23.62
C GLN B 104 -11.95 15.79 -22.63
N ILE B 105 -10.87 15.66 -21.86
CA ILE B 105 -10.65 14.50 -21.02
C ILE B 105 -11.28 14.79 -19.67
N ARG B 106 -12.29 14.00 -19.29
CA ARG B 106 -12.95 14.19 -18.02
C ARG B 106 -12.65 13.09 -17.02
N THR B 107 -12.06 11.95 -17.44
CA THR B 107 -11.69 10.87 -16.54
C THR B 107 -10.36 10.31 -16.99
N ILE B 108 -9.49 10.07 -16.02
CA ILE B 108 -8.18 9.47 -16.25
C ILE B 108 -8.02 8.28 -15.31
N ALA B 109 -7.61 7.13 -15.85
CA ALA B 109 -7.17 6.03 -15.01
C ALA B 109 -5.64 5.98 -15.01
N ILE B 110 -5.04 5.87 -13.83
CA ILE B 110 -3.59 5.81 -13.69
C ILE B 110 -3.24 4.44 -13.17
N ILE B 111 -2.57 3.63 -14.00
CA ILE B 111 -2.32 2.25 -13.65
C ILE B 111 -1.12 2.09 -12.71
N ALA B 112 -0.05 2.85 -12.94
CA ALA B 112 1.24 2.54 -12.34
C ALA B 112 1.22 2.57 -10.81
N GLU B 113 1.91 1.62 -10.22
CA GLU B 113 2.25 1.64 -8.80
C GLU B 113 3.66 2.18 -8.61
N GLY B 114 3.89 2.83 -7.47
CA GLY B 114 5.18 3.40 -7.16
C GLY B 114 5.35 4.87 -7.49
N ILE B 115 4.28 5.62 -7.72
CA ILE B 115 4.37 7.07 -7.90
C ILE B 115 4.50 7.72 -6.53
N PRO B 116 5.49 8.59 -6.32
CA PRO B 116 5.59 9.27 -5.02
C PRO B 116 4.32 10.02 -4.65
N GLU B 117 4.00 9.94 -3.37
CA GLU B 117 2.76 10.50 -2.83
C GLU B 117 2.70 12.01 -3.06
N ALA B 118 3.83 12.69 -2.98
CA ALA B 118 3.84 14.13 -3.20
C ALA B 118 3.51 14.48 -4.65
N LEU B 119 3.88 13.61 -5.61
CA LEU B 119 3.49 13.85 -6.99
C LEU B 119 2.01 13.58 -7.20
N THR B 120 1.49 12.53 -6.58
CA THR B 120 0.06 12.26 -6.70
C THR B 120 -0.79 13.39 -6.09
N ARG B 121 -0.34 14.01 -4.98
CA ARG B 121 -1.08 15.15 -4.44
C ARG B 121 -1.16 16.28 -5.44
N LYS B 122 -0.11 16.48 -6.25
CA LYS B 122 -0.14 17.52 -7.26
C LYS B 122 -1.07 17.14 -8.41
N LEU B 123 -1.12 15.85 -8.78
CA LEU B 123 -2.11 15.41 -9.75
C LEU B 123 -3.51 15.67 -9.24
N ILE B 124 -3.76 15.34 -7.97
CA ILE B 124 -5.07 15.53 -7.36
C ILE B 124 -5.45 17.00 -7.38
N LYS B 125 -4.50 17.87 -7.06
CA LYS B 125 -4.83 19.29 -7.03
C LYS B 125 -5.24 19.77 -8.41
N LYS B 126 -4.48 19.40 -9.45
CA LYS B 126 -4.82 19.83 -10.80
C LYS B 126 -6.13 19.21 -11.26
N ALA B 127 -6.37 17.94 -10.90
CA ALA B 127 -7.61 17.28 -11.29
C ALA B 127 -8.84 17.91 -10.60
N ASP B 128 -8.69 18.27 -9.32
CA ASP B 128 -9.76 18.94 -8.58
C ASP B 128 -10.06 20.30 -9.19
N GLN B 129 -9.02 21.03 -9.58
CA GLN B 129 -9.23 22.31 -10.22
C GLN B 129 -10.04 22.17 -11.51
N LYS B 130 -9.76 21.14 -12.29
CA LYS B 130 -10.37 20.96 -13.57
C LYS B 130 -11.64 20.11 -13.52
N GLY B 131 -11.93 19.48 -12.39
CA GLY B 131 -13.09 18.61 -12.30
C GLY B 131 -12.90 17.26 -12.95
N VAL B 132 -11.66 16.86 -13.21
CA VAL B 132 -11.36 15.58 -13.83
C VAL B 132 -11.34 14.50 -12.75
N THR B 133 -12.01 13.37 -12.99
CA THR B 133 -11.97 12.26 -12.05
C THR B 133 -10.75 11.42 -12.37
N ILE B 134 -9.93 11.15 -11.35
CA ILE B 134 -8.80 10.25 -11.44
C ILE B 134 -9.14 8.96 -10.71
N ILE B 135 -8.96 7.82 -11.39
CA ILE B 135 -9.03 6.50 -10.80
C ILE B 135 -7.61 5.96 -10.75
N GLY B 136 -7.11 5.72 -9.55
CA GLY B 136 -5.74 5.27 -9.34
C GLY B 136 -5.04 6.36 -8.57
N PRO B 137 -3.71 6.30 -8.47
CA PRO B 137 -2.82 5.32 -9.14
C PRO B 137 -2.84 3.92 -8.53
N ALA B 138 -1.97 3.06 -9.06
CA ALA B 138 -1.76 1.72 -8.55
C ALA B 138 -3.05 0.90 -8.57
N THR B 139 -3.72 0.89 -9.74
CA THR B 139 -5.01 0.22 -9.86
C THR B 139 -5.10 -0.55 -11.16
N VAL B 140 -5.98 -1.56 -11.17
CA VAL B 140 -6.36 -2.18 -12.43
C VAL B 140 -7.44 -1.34 -13.14
N GLY B 141 -8.21 -0.57 -12.38
CA GLY B 141 -9.18 0.34 -12.93
C GLY B 141 -10.61 0.19 -12.43
N GLY B 142 -11.41 -0.59 -13.15
CA GLY B 142 -12.84 -0.65 -12.89
C GLY B 142 -13.58 -1.18 -14.10
N ILE B 143 -14.88 -1.35 -13.93
CA ILE B 143 -15.69 -1.94 -14.99
C ILE B 143 -17.14 -1.51 -14.83
N LYS B 144 -17.74 -1.10 -15.93
CA LYS B 144 -19.17 -0.73 -15.96
C LYS B 144 -19.85 -1.65 -16.96
N PRO B 145 -20.43 -2.75 -16.50
CA PRO B 145 -21.04 -3.74 -17.38
C PRO B 145 -22.01 -3.13 -18.39
N GLY B 146 -21.93 -3.63 -19.63
CA GLY B 146 -22.68 -3.06 -20.73
C GLY B 146 -22.04 -1.84 -21.38
N CYS B 147 -21.04 -1.21 -20.76
CA CYS B 147 -20.65 0.14 -21.13
C CYS B 147 -19.17 0.31 -21.43
N PHE B 148 -18.33 0.02 -20.45
CA PHE B 148 -16.91 0.34 -20.56
C PHE B 148 -16.15 -0.41 -19.48
N LYS B 149 -14.95 -0.91 -19.81
CA LYS B 149 -14.09 -1.46 -18.79
C LYS B 149 -12.68 -0.91 -18.95
N ILE B 150 -12.03 -0.65 -17.83
CA ILE B 150 -10.71 -0.03 -17.85
C ILE B 150 -9.65 -1.13 -18.01
N GLY B 151 -8.99 -1.15 -19.14
CA GLY B 151 -7.79 -1.96 -19.27
C GLY B 151 -8.02 -3.42 -18.99
N ASN B 152 -7.17 -3.96 -18.12
CA ASN B 152 -7.23 -5.36 -17.73
C ASN B 152 -8.39 -5.72 -16.80
N THR B 153 -9.23 -4.78 -16.36
CA THR B 153 -10.21 -5.11 -15.33
C THR B 153 -11.17 -6.18 -15.82
N GLY B 154 -11.34 -7.21 -15.02
CA GLY B 154 -12.27 -8.26 -15.34
C GLY B 154 -11.74 -9.31 -16.31
N GLY B 155 -10.53 -9.14 -16.84
CA GLY B 155 -9.91 -10.26 -17.54
C GLY B 155 -10.53 -10.55 -18.90
N MET B 156 -10.46 -11.81 -19.30
CA MET B 156 -10.82 -12.18 -20.65
C MET B 156 -12.28 -12.63 -20.71
N LEU B 157 -12.70 -13.03 -21.89
CA LEU B 157 -14.11 -13.19 -22.15
C LEU B 157 -14.74 -14.25 -21.25
N ASP B 158 -13.99 -15.32 -20.95
CA ASP B 158 -14.57 -16.38 -20.12
C ASP B 158 -15.01 -15.86 -18.75
N ASN B 159 -14.25 -14.94 -18.16
CA ASN B 159 -14.63 -14.36 -16.86
C ASN B 159 -15.74 -13.33 -17.01
N ILE B 160 -15.69 -12.50 -18.07
CA ILE B 160 -16.77 -11.57 -18.33
C ILE B 160 -18.10 -12.32 -18.43
N LEU B 161 -18.11 -13.43 -19.15
CA LEU B 161 -19.32 -14.22 -19.24
C LEU B 161 -19.69 -14.88 -17.91
N ALA B 162 -18.71 -15.46 -17.22
CA ALA B 162 -19.02 -16.22 -15.99
C ALA B 162 -19.65 -15.32 -14.93
N SER B 163 -19.15 -14.10 -14.82
CA SER B 163 -19.63 -13.17 -13.81
C SER B 163 -20.67 -12.20 -14.35
N LYS B 164 -21.23 -12.47 -15.54
CA LYS B 164 -22.35 -11.70 -16.09
C LYS B 164 -22.03 -10.22 -16.27
N LEU B 165 -20.78 -9.90 -16.60
CA LEU B 165 -20.35 -8.52 -16.69
C LEU B 165 -20.67 -7.86 -18.04
N TYR B 166 -21.41 -8.57 -18.90
CA TYR B 166 -21.88 -8.05 -20.17
C TYR B 166 -23.22 -7.31 -20.06
N ARG B 167 -23.87 -7.32 -18.90
CA ARG B 167 -25.05 -6.47 -18.71
C ARG B 167 -25.12 -6.04 -17.24
N PRO B 168 -25.63 -4.85 -16.95
CA PRO B 168 -25.63 -4.35 -15.57
C PRO B 168 -26.72 -4.99 -14.71
N GLY B 169 -26.36 -5.24 -13.47
CA GLY B 169 -27.30 -5.50 -12.39
C GLY B 169 -27.58 -4.23 -11.63
N SER B 170 -27.86 -4.38 -10.34
CA SER B 170 -28.27 -3.26 -9.49
C SER B 170 -27.26 -2.93 -8.39
N VAL B 171 -26.10 -3.58 -8.36
CA VAL B 171 -25.17 -3.51 -7.24
C VAL B 171 -23.90 -2.80 -7.69
N ALA B 172 -23.55 -1.71 -7.02
CA ALA B 172 -22.32 -0.98 -7.36
C ALA B 172 -21.30 -1.29 -6.27
N TYR B 173 -20.01 -1.31 -6.62
CA TYR B 173 -19.01 -1.48 -5.59
C TYR B 173 -17.81 -0.56 -5.81
N VAL B 174 -17.10 -0.36 -4.71
CA VAL B 174 -15.80 0.29 -4.75
C VAL B 174 -14.85 -0.47 -3.84
N SER B 175 -13.64 -0.71 -4.34
CA SER B 175 -12.68 -1.56 -3.71
C SER B 175 -11.33 -0.87 -3.65
N ARG B 176 -10.60 -1.10 -2.56
CA ARG B 176 -9.21 -0.75 -2.47
C ARG B 176 -8.30 -1.71 -3.25
N SER B 177 -8.77 -2.90 -3.62
CA SER B 177 -7.93 -3.96 -4.19
C SER B 177 -8.32 -4.29 -5.63
N GLY B 178 -7.32 -4.36 -6.51
CA GLY B 178 -7.55 -4.82 -7.87
C GLY B 178 -8.02 -6.25 -8.00
N GLY B 179 -7.22 -7.17 -7.48
CA GLY B 179 -7.58 -8.57 -7.55
C GLY B 179 -8.89 -8.86 -6.84
N MET B 180 -9.10 -8.25 -5.68
CA MET B 180 -10.35 -8.50 -4.96
C MET B 180 -11.57 -7.89 -5.64
N SER B 181 -11.39 -6.88 -6.51
CA SER B 181 -12.54 -6.39 -7.27
C SER B 181 -13.05 -7.48 -8.21
N ASN B 182 -12.16 -8.32 -8.73
CA ASN B 182 -12.64 -9.40 -9.59
C ASN B 182 -13.28 -10.50 -8.77
N GLU B 183 -12.82 -10.71 -7.53
CA GLU B 183 -13.55 -11.58 -6.62
C GLU B 183 -14.93 -11.04 -6.30
N LEU B 184 -15.05 -9.72 -6.11
CA LEU B 184 -16.35 -9.11 -5.92
C LEU B 184 -17.26 -9.29 -7.15
N ASN B 185 -16.72 -9.11 -8.36
CA ASN B 185 -17.49 -9.40 -9.57
C ASN B 185 -18.14 -10.78 -9.46
N ASN B 186 -17.34 -11.77 -9.04
CA ASN B 186 -17.78 -13.15 -8.94
C ASN B 186 -18.86 -13.29 -7.86
N ILE B 187 -18.58 -12.79 -6.65
CA ILE B 187 -19.51 -12.93 -5.53
C ILE B 187 -20.83 -12.23 -5.84
N ILE B 188 -20.76 -11.00 -6.34
CA ILE B 188 -21.98 -10.25 -6.59
C ILE B 188 -22.79 -10.92 -7.68
N SER B 189 -22.13 -11.53 -8.67
CA SER B 189 -22.90 -12.15 -9.74
C SER B 189 -23.62 -13.39 -9.25
N ARG B 190 -23.11 -14.04 -8.22
CA ARG B 190 -23.73 -15.24 -7.69
C ARG B 190 -24.82 -14.94 -6.68
N THR B 191 -24.86 -13.75 -6.10
CA THR B 191 -25.75 -13.45 -4.98
C THR B 191 -26.83 -12.42 -5.30
N THR B 192 -26.76 -11.73 -6.45
CA THR B 192 -27.63 -10.63 -6.78
C THR B 192 -27.92 -10.70 -8.27
N ASP B 193 -28.53 -9.65 -8.82
CA ASP B 193 -28.67 -9.54 -10.26
C ASP B 193 -27.41 -9.02 -10.95
N GLY B 194 -26.35 -8.69 -10.21
CA GLY B 194 -25.03 -8.46 -10.77
C GLY B 194 -24.55 -7.03 -10.58
N VAL B 195 -23.30 -6.82 -11.02
CA VAL B 195 -22.65 -5.52 -10.94
C VAL B 195 -23.29 -4.51 -11.89
N TYR B 196 -23.60 -3.34 -11.35
CA TYR B 196 -23.93 -2.16 -12.13
C TYR B 196 -22.67 -1.41 -12.56
N GLU B 197 -21.79 -1.15 -11.60
CA GLU B 197 -20.49 -0.54 -11.85
C GLU B 197 -19.59 -0.88 -10.70
N GLY B 198 -18.31 -1.05 -10.99
CA GLY B 198 -17.31 -1.26 -9.98
C GLY B 198 -16.06 -0.45 -10.28
N VAL B 199 -15.43 0.04 -9.23
CA VAL B 199 -14.21 0.81 -9.35
C VAL B 199 -13.20 0.29 -8.33
N ALA B 200 -11.94 0.16 -8.77
CA ALA B 200 -10.82 -0.14 -7.89
C ALA B 200 -10.04 1.16 -7.71
N ILE B 201 -10.05 1.72 -6.49
CA ILE B 201 -9.43 3.03 -6.33
C ILE B 201 -7.92 2.95 -6.19
N GLY B 202 -7.38 1.74 -6.07
CA GLY B 202 -5.96 1.56 -5.92
C GLY B 202 -5.54 1.59 -4.47
N GLY B 203 -4.31 1.17 -4.23
CA GLY B 203 -3.82 0.98 -2.89
C GLY B 203 -3.03 2.13 -2.32
N ASP B 204 -2.91 3.24 -3.02
CA ASP B 204 -1.96 4.26 -2.56
C ASP B 204 -2.54 5.10 -1.42
N ARG B 205 -1.64 5.83 -0.77
CA ARG B 205 -2.06 6.62 0.40
C ARG B 205 -3.09 7.68 0.01
N TYR B 206 -2.91 8.34 -1.13
CA TYR B 206 -3.83 9.38 -1.60
C TYR B 206 -4.42 8.92 -2.94
N PRO B 207 -5.48 8.15 -2.92
CA PRO B 207 -6.11 7.75 -4.18
C PRO B 207 -6.67 8.97 -4.89
N GLY B 208 -6.55 8.96 -6.22
CA GLY B 208 -7.01 10.09 -6.99
C GLY B 208 -8.48 10.38 -6.79
N SER B 209 -9.26 9.34 -6.53
CA SER B 209 -10.65 9.44 -6.14
C SER B 209 -10.88 8.46 -5.00
N THR B 210 -11.66 8.86 -3.99
CA THR B 210 -11.78 8.12 -2.75
C THR B 210 -13.01 7.24 -2.71
N PHE B 211 -13.13 6.44 -1.64
CA PHE B 211 -14.33 5.64 -1.46
C PHE B 211 -15.57 6.53 -1.49
N MET B 212 -15.57 7.59 -0.68
CA MET B 212 -16.76 8.44 -0.62
C MET B 212 -17.04 9.10 -1.96
N ASP B 213 -16.02 9.44 -2.75
CA ASP B 213 -16.28 9.97 -4.09
C ASP B 213 -17.21 9.03 -4.85
N HIS B 214 -16.88 7.76 -4.87
CA HIS B 214 -17.67 6.86 -5.69
C HIS B 214 -18.96 6.48 -5.01
N VAL B 215 -18.95 6.33 -3.69
CA VAL B 215 -20.20 6.00 -3.00
C VAL B 215 -21.25 7.06 -3.31
N LEU B 216 -20.84 8.33 -3.29
CA LEU B 216 -21.76 9.41 -3.62
C LEU B 216 -22.26 9.30 -5.06
N ARG B 217 -21.39 8.98 -6.01
CA ARG B 217 -21.86 8.79 -7.39
C ARG B 217 -22.96 7.74 -7.41
N TYR B 218 -22.73 6.64 -6.70
CA TYR B 218 -23.65 5.51 -6.73
C TYR B 218 -24.97 5.87 -6.06
N GLN B 219 -24.90 6.60 -4.96
CA GLN B 219 -26.11 7.12 -4.33
C GLN B 219 -26.92 7.95 -5.30
N ASP B 220 -26.26 8.67 -6.20
CA ASP B 220 -26.94 9.58 -7.12
C ASP B 220 -27.27 8.94 -8.46
N THR B 221 -27.01 7.63 -8.60
CA THR B 221 -27.28 6.90 -9.82
C THR B 221 -28.54 6.06 -9.65
N PRO B 222 -29.62 6.36 -10.39
CA PRO B 222 -30.89 5.65 -10.15
C PRO B 222 -30.81 4.15 -10.33
N GLY B 223 -30.04 3.67 -11.31
CA GLY B 223 -29.92 2.25 -11.55
C GLY B 223 -29.27 1.47 -10.43
N VAL B 224 -28.52 2.13 -9.56
CA VAL B 224 -27.89 1.47 -8.41
C VAL B 224 -28.89 1.40 -7.27
N LYS B 225 -29.08 0.20 -6.73
CA LYS B 225 -29.97 0.05 -5.58
C LYS B 225 -29.24 -0.34 -4.29
N MET B 226 -28.01 -0.82 -4.36
CA MET B 226 -27.24 -1.11 -3.16
C MET B 226 -25.76 -1.03 -3.54
N ILE B 227 -24.93 -0.86 -2.51
CA ILE B 227 -23.52 -0.46 -2.66
C ILE B 227 -22.68 -1.34 -1.78
N VAL B 228 -21.59 -1.88 -2.33
CA VAL B 228 -20.65 -2.71 -1.60
C VAL B 228 -19.30 -1.98 -1.58
N VAL B 229 -18.69 -1.91 -0.40
CA VAL B 229 -17.37 -1.27 -0.21
C VAL B 229 -16.44 -2.30 0.40
N LEU B 230 -15.31 -2.57 -0.27
CA LEU B 230 -14.24 -3.39 0.31
C LEU B 230 -13.15 -2.42 0.77
N GLY B 231 -13.18 -2.08 2.06
CA GLY B 231 -12.26 -1.12 2.63
C GLY B 231 -10.98 -1.80 3.11
N GLU B 232 -10.12 -1.01 3.77
CA GLU B 232 -8.84 -1.54 4.19
C GLU B 232 -8.25 -0.72 5.35
N ILE B 233 -7.46 -1.41 6.15
CA ILE B 233 -6.65 -0.77 7.17
C ILE B 233 -5.87 0.38 6.55
N GLY B 234 -5.70 1.45 7.33
CA GLY B 234 -4.92 2.60 6.90
C GLY B 234 -5.79 3.78 6.55
N GLY B 235 -5.48 4.93 7.11
CA GLY B 235 -6.26 6.13 6.86
C GLY B 235 -7.63 6.04 7.50
N THR B 236 -8.44 7.07 7.25
CA THR B 236 -9.75 7.22 7.90
C THR B 236 -10.86 7.46 6.88
N GLU B 237 -10.64 7.12 5.62
CA GLU B 237 -11.64 7.41 4.61
C GLU B 237 -13.00 6.81 4.95
N GLU B 238 -13.03 5.58 5.48
CA GLU B 238 -14.30 4.88 5.65
C GLU B 238 -15.24 5.60 6.63
N TYR B 239 -14.71 6.39 7.57
CA TYR B 239 -15.60 7.14 8.47
C TYR B 239 -16.49 8.13 7.72
N LYS B 240 -16.09 8.54 6.53
CA LYS B 240 -16.92 9.42 5.73
C LYS B 240 -18.25 8.76 5.34
N ILE B 241 -18.25 7.44 5.16
CA ILE B 241 -19.49 6.72 4.91
C ILE B 241 -20.39 6.77 6.13
N CYS B 242 -19.83 6.58 7.32
CA CYS B 242 -20.60 6.73 8.55
C CYS B 242 -21.27 8.10 8.60
N ARG B 243 -20.49 9.14 8.30
CA ARG B 243 -21.01 10.50 8.32
C ARG B 243 -22.12 10.71 7.29
N GLY B 244 -21.94 10.20 6.07
CA GLY B 244 -22.95 10.37 5.04
C GLY B 244 -24.27 9.71 5.38
N ILE B 245 -24.23 8.54 6.01
CA ILE B 245 -25.46 7.90 6.47
C ILE B 245 -26.12 8.74 7.56
N LYS B 246 -25.32 9.20 8.52
CA LYS B 246 -25.85 10.00 9.62
C LYS B 246 -26.50 11.28 9.10
N GLU B 247 -25.93 11.88 8.07
CA GLU B 247 -26.47 13.11 7.49
C GLU B 247 -27.70 12.88 6.63
N GLY B 248 -28.07 11.63 6.35
CA GLY B 248 -29.13 11.38 5.40
C GLY B 248 -28.73 11.54 3.95
N ARG B 249 -27.45 11.76 3.67
CA ARG B 249 -26.97 11.83 2.28
C ARG B 249 -26.97 10.44 1.65
N LEU B 250 -26.53 9.43 2.39
CA LEU B 250 -26.48 8.07 1.90
C LEU B 250 -27.70 7.35 2.47
N THR B 251 -28.62 7.00 1.59
CA THR B 251 -29.83 6.31 2.00
C THR B 251 -29.94 4.90 1.43
N LYS B 252 -29.24 4.60 0.37
CA LYS B 252 -29.26 3.23 -0.15
C LYS B 252 -28.45 2.32 0.77
N PRO B 253 -28.82 1.04 0.87
CA PRO B 253 -28.08 0.12 1.73
C PRO B 253 -26.62 0.00 1.29
N ILE B 254 -25.73 0.03 2.25
CA ILE B 254 -24.30 -0.11 2.02
C ILE B 254 -23.80 -1.32 2.79
N VAL B 255 -23.10 -2.22 2.09
CA VAL B 255 -22.38 -3.31 2.70
C VAL B 255 -20.91 -2.93 2.70
N CYS B 256 -20.20 -3.17 3.80
CA CYS B 256 -18.77 -2.86 3.84
C CYS B 256 -18.05 -3.84 4.74
N TRP B 257 -16.88 -4.26 4.28
CA TRP B 257 -15.91 -4.97 5.09
C TRP B 257 -14.54 -4.36 4.84
N CYS B 258 -13.82 -4.06 5.94
CA CYS B 258 -12.45 -3.56 5.91
C CYS B 258 -11.47 -4.69 6.20
N ILE B 259 -10.57 -4.95 5.25
CA ILE B 259 -9.57 -5.98 5.40
C ILE B 259 -8.39 -5.45 6.22
N GLY B 260 -7.68 -6.36 6.85
CA GLY B 260 -6.54 -5.98 7.68
C GLY B 260 -6.75 -6.15 9.16
N THR B 261 -7.75 -6.95 9.56
CA THR B 261 -8.00 -7.20 10.96
C THR B 261 -6.82 -7.91 11.64
N CYS B 262 -6.00 -8.66 10.89
CA CYS B 262 -4.91 -9.39 11.51
C CYS B 262 -3.91 -8.45 12.18
N ALA B 263 -3.80 -7.22 11.68
CA ALA B 263 -2.78 -6.31 12.16
C ALA B 263 -2.93 -6.04 13.65
N THR B 264 -4.16 -6.09 14.15
CA THR B 264 -4.47 -5.89 15.55
C THR B 264 -3.87 -6.98 16.42
N MET B 265 -3.58 -8.14 15.84
CA MET B 265 -3.03 -9.26 16.60
C MET B 265 -1.52 -9.37 16.50
N PHE B 266 -0.88 -8.61 15.63
CA PHE B 266 0.57 -8.67 15.53
C PHE B 266 1.18 -7.87 16.67
N SER B 267 2.39 -8.23 17.05
CA SER B 267 3.07 -7.50 18.12
C SER B 267 3.89 -6.33 17.61
N SER B 268 4.09 -6.22 16.29
CA SER B 268 4.77 -5.07 15.71
C SER B 268 4.05 -4.68 14.44
N GLU B 269 4.29 -3.44 14.01
CA GLU B 269 3.63 -2.90 12.83
C GLU B 269 4.08 -3.65 11.58
N VAL B 270 3.12 -3.91 10.67
CA VAL B 270 3.40 -4.63 9.44
C VAL B 270 2.85 -3.78 8.28
N GLN B 271 3.70 -3.45 7.33
CA GLN B 271 3.27 -2.77 6.12
C GLN B 271 2.79 -3.83 5.14
N PHE B 272 1.52 -3.74 4.76
CA PHE B 272 0.96 -4.67 3.80
C PHE B 272 1.29 -4.21 2.37
N GLY B 273 0.86 -5.00 1.40
CA GLY B 273 1.16 -4.75 0.01
C GLY B 273 0.78 -3.37 -0.51
N NEP B 274 -0.40 -2.88 -0.14
CA NEP B 274 -0.83 -1.55 -0.64
C NEP B 274 -0.05 -0.51 0.17
O NEP B 274 0.07 -0.60 1.37
CB NEP B 274 -2.34 -1.37 -0.42
CG NEP B 274 -3.16 -2.28 -1.27
ND1 NEP B 274 -4.45 -2.65 -0.92
CD2 NEP B 274 -2.82 -2.89 -2.44
CE1 NEP B 274 -4.87 -3.46 -1.86
NE2 NEP B 274 -3.92 -3.65 -2.84
P NEP B 274 -3.98 -4.53 -4.30
O1P NEP B 274 -4.94 -5.69 -3.97
O2P NEP B 274 -4.61 -3.61 -5.32
O3P NEP B 274 -2.65 -5.00 -4.64
HA NEP B 274 -0.59 -1.49 -1.70
HB2 NEP B 274 -2.64 -0.34 -0.59
HB3 NEP B 274 -2.59 -1.56 0.63
HD2 NEP B 274 -1.90 -2.85 -3.02
HE1 NEP B 274 -5.85 -3.95 -1.89
N ALA B 275 0.42 0.50 -0.54
CA ALA B 275 1.24 1.55 0.03
C ALA B 275 0.51 2.30 1.12
N GLY B 276 -0.81 2.47 0.98
CA GLY B 276 -1.62 3.10 1.99
C GLY B 276 -2.01 2.23 3.17
N ALA B 277 -1.68 0.94 3.18
CA ALA B 277 -2.26 0.00 4.15
C ALA B 277 -1.35 -0.14 5.36
N CYS B 278 -1.32 0.93 6.15
CA CYS B 278 -0.59 0.98 7.41
C CYS B 278 -1.30 1.98 8.31
N ALA B 279 -1.68 1.53 9.50
CA ALA B 279 -2.44 2.34 10.45
C ALA B 279 -1.48 3.18 11.29
N ASN B 280 -1.64 4.50 11.21
CA ASN B 280 -0.81 5.45 11.98
C ASN B 280 -1.47 5.88 13.29
N GLN B 281 -2.71 5.45 13.56
CA GLN B 281 -3.42 5.69 14.81
C GLN B 281 -4.44 4.57 14.96
N ALA B 282 -4.91 4.38 16.20
CA ALA B 282 -5.85 3.30 16.47
C ALA B 282 -7.09 3.38 15.58
N SER B 283 -7.52 4.59 15.23
CA SER B 283 -8.73 4.74 14.45
C SER B 283 -8.55 4.22 13.02
N GLU B 284 -7.31 4.04 12.56
CA GLU B 284 -7.01 3.58 11.20
C GLU B 284 -7.00 2.06 11.04
N THR B 285 -7.17 1.30 12.12
CA THR B 285 -7.17 -0.16 12.02
C THR B 285 -8.47 -0.63 11.39
N ALA B 286 -8.41 -1.81 10.75
CA ALA B 286 -9.61 -2.39 10.18
C ALA B 286 -10.63 -2.73 11.25
N VAL B 287 -10.18 -3.16 12.44
CA VAL B 287 -11.14 -3.51 13.48
C VAL B 287 -11.92 -2.27 13.93
N ALA B 288 -11.24 -1.15 14.09
CA ALA B 288 -11.93 0.08 14.51
C ALA B 288 -12.91 0.55 13.45
N LYS B 289 -12.49 0.53 12.20
CA LYS B 289 -13.36 0.99 11.13
C LYS B 289 -14.56 0.08 10.95
N ASN B 290 -14.38 -1.24 11.00
CA ASN B 290 -15.52 -2.15 10.89
C ASN B 290 -16.52 -1.88 12.02
N GLN B 291 -16.02 -1.63 13.22
CA GLN B 291 -16.91 -1.40 14.35
C GLN B 291 -17.71 -0.12 14.16
N ALA B 292 -17.03 0.97 13.76
CA ALA B 292 -17.72 2.23 13.53
C ALA B 292 -18.75 2.13 12.41
N LEU B 293 -18.43 1.39 11.35
CA LEU B 293 -19.38 1.27 10.24
C LEU B 293 -20.62 0.53 10.70
N LYS B 294 -20.44 -0.56 11.44
CA LYS B 294 -21.55 -1.31 12.00
C LYS B 294 -22.42 -0.44 12.89
N GLU B 295 -21.81 0.37 13.75
CA GLU B 295 -22.59 1.24 14.63
C GLU B 295 -23.32 2.34 13.85
N ALA B 296 -22.83 2.72 12.66
CA ALA B 296 -23.46 3.76 11.87
C ALA B 296 -24.58 3.26 10.97
N GLY B 297 -24.84 1.96 10.95
CA GLY B 297 -25.89 1.40 10.13
C GLY B 297 -25.45 0.80 8.82
N VAL B 298 -24.15 0.68 8.59
CA VAL B 298 -23.64 -0.07 7.46
C VAL B 298 -23.78 -1.56 7.76
N PHE B 299 -24.09 -2.35 6.74
CA PHE B 299 -24.13 -3.79 6.90
C PHE B 299 -22.73 -4.35 6.84
N VAL B 300 -22.24 -4.90 7.96
CA VAL B 300 -20.86 -5.34 8.09
C VAL B 300 -20.86 -6.82 8.44
N PRO B 301 -20.31 -7.69 7.60
CA PRO B 301 -20.21 -9.10 7.97
C PRO B 301 -19.27 -9.32 9.15
N ARG B 302 -19.40 -10.49 9.77
CA ARG B 302 -18.50 -10.84 10.87
C ARG B 302 -17.05 -10.94 10.38
N SER B 303 -16.85 -11.38 9.13
CA SER B 303 -15.53 -11.54 8.52
C SER B 303 -15.72 -11.54 7.01
N PHE B 304 -14.61 -11.54 6.26
CA PHE B 304 -14.74 -11.61 4.81
C PHE B 304 -15.55 -12.82 4.39
N ASP B 305 -15.43 -13.92 5.13
CA ASP B 305 -16.11 -15.18 4.85
C ASP B 305 -17.60 -15.04 4.67
N GLU B 306 -18.22 -14.10 5.40
CA GLU B 306 -19.66 -13.88 5.40
C GLU B 306 -20.08 -12.70 4.53
N LEU B 307 -19.16 -12.14 3.74
CA LEU B 307 -19.52 -11.01 2.90
C LEU B 307 -20.60 -11.38 1.87
N GLY B 308 -20.42 -12.50 1.16
CA GLY B 308 -21.41 -12.93 0.21
C GLY B 308 -22.80 -13.10 0.84
N GLU B 309 -22.85 -13.64 2.06
CA GLU B 309 -24.13 -13.92 2.71
C GLU B 309 -24.86 -12.64 3.07
N ILE B 310 -24.13 -11.63 3.52
CA ILE B 310 -24.80 -10.38 3.86
C ILE B 310 -25.21 -9.63 2.60
N ILE B 311 -24.40 -9.68 1.53
CA ILE B 311 -24.83 -9.05 0.27
C ILE B 311 -26.15 -9.67 -0.20
N GLN B 312 -26.22 -10.99 -0.17
CA GLN B 312 -27.42 -11.68 -0.64
C GLN B 312 -28.64 -11.31 0.19
N SER B 313 -28.45 -11.18 1.50
CA SER B 313 -29.58 -10.88 2.38
C SER B 313 -30.10 -9.47 2.16
N VAL B 314 -29.20 -8.51 2.00
CA VAL B 314 -29.62 -7.14 1.68
C VAL B 314 -30.32 -7.10 0.32
N TYR B 315 -29.74 -7.76 -0.67
CA TYR B 315 -30.34 -7.80 -2.00
C TYR B 315 -31.76 -8.35 -1.95
N GLU B 316 -31.94 -9.48 -1.27
CA GLU B 316 -33.26 -10.12 -1.25
C GLU B 316 -34.31 -9.27 -0.54
N ASP B 317 -33.95 -8.60 0.55
CA ASP B 317 -34.85 -7.62 1.16
C ASP B 317 -35.24 -6.51 0.19
N LEU B 318 -34.32 -6.00 -0.61
CA LEU B 318 -34.67 -4.94 -1.56
C LEU B 318 -35.62 -5.46 -2.63
N VAL B 319 -35.42 -6.67 -3.10
CA VAL B 319 -36.36 -7.25 -4.05
C VAL B 319 -37.74 -7.38 -3.41
N ALA B 320 -37.81 -7.95 -2.21
CA ALA B 320 -39.09 -8.14 -1.51
C ALA B 320 -39.87 -6.84 -1.38
N ASN B 321 -39.18 -5.72 -1.16
CA ASN B 321 -39.86 -4.44 -0.97
C ASN B 321 -40.04 -3.66 -2.26
N GLY B 322 -39.79 -4.27 -3.41
CA GLY B 322 -40.03 -3.61 -4.68
C GLY B 322 -39.00 -2.60 -5.10
N VAL B 323 -37.84 -2.52 -4.44
CA VAL B 323 -36.82 -1.57 -4.84
C VAL B 323 -36.04 -2.07 -6.06
N ILE B 324 -35.87 -3.37 -6.19
CA ILE B 324 -35.21 -4.00 -7.32
C ILE B 324 -36.27 -4.76 -8.10
O2 7A3 C . -2.17 -9.12 -10.50
O3 7A3 C . -4.09 -9.96 -12.13
C1 7A3 C . -3.64 -9.80 -8.69
O1 7A3 C . -4.58 -11.87 -8.29
C2 7A3 C . -3.48 -8.98 -9.97
C5 7A3 C . -2.79 -6.92 -8.73
C3 7A3 C . -4.47 -9.47 -11.04
C4 7A3 C . -3.83 -7.51 -9.66
C 7A3 C . -3.66 -11.28 -8.91
O 7A3 C . -2.82 -11.86 -9.62
O4 7A3 C . -5.68 -9.33 -10.70
O5 7A3 C . -3.92 -6.75 -10.84
O6 7A3 C . -2.76 -7.21 -7.52
O7 7A3 C . -1.96 -6.13 -9.29
H3 7A3 C . -2.15 -8.72 -11.40
H1 7A3 C . -2.83 -9.55 -8.00
H2 7A3 C . -4.55 -9.53 -8.16
H5 7A3 C . -4.79 -7.49 -9.14
H6 7A3 C . -4.56 -6.00 -10.69
PB ADP D . 12.21 10.42 23.61
O1B ADP D . 11.42 11.52 22.91
O2B ADP D . 12.19 9.04 22.86
O3B ADP D . 11.91 10.21 25.10
PA ADP D . 14.53 12.19 23.51
O1A ADP D . 15.68 12.06 22.59
O2A ADP D . 13.58 13.35 23.24
O3A ADP D . 13.75 10.80 23.54
O5' ADP D . 15.11 12.40 25.06
C5' ADP D . 14.31 12.60 26.25
C4' ADP D . 14.65 13.94 26.83
O4' ADP D . 16.03 13.96 27.27
C3' ADP D . 14.56 15.12 25.86
O3' ADP D . 13.23 15.60 25.66
C2' ADP D . 15.42 16.16 26.57
O2' ADP D . 14.76 16.79 27.67
C1' ADP D . 16.55 15.28 27.10
N9 ADP D . 17.67 15.21 26.18
C8 ADP D . 17.83 14.39 25.09
N7 ADP D . 18.93 14.60 24.42
C5 ADP D . 19.55 15.63 25.11
C6 ADP D . 20.77 16.29 24.92
N6 ADP D . 21.63 16.01 23.93
N1 ADP D . 21.10 17.27 25.80
C2 ADP D . 20.24 17.55 26.79
N3 ADP D . 19.05 17.00 27.06
C4 ADP D . 18.78 16.03 26.18
HOB2 ADP D . 12.75 8.29 23.21
HOB3 ADP D . 12.30 10.66 25.90
HOA2 ADP D . 13.04 13.86 23.89
H5'1 ADP D . 14.47 11.78 26.96
H5'2 ADP D . 13.29 12.52 25.87
H4' ADP D . 14.07 14.13 27.74
H3' ADP D . 14.96 14.84 24.89
HO3' ADP D . 12.62 14.86 25.89
H2' ADP D . 15.78 16.90 25.86
HO2' ADP D . 13.80 16.60 27.55
H1' ADP D . 16.93 15.61 28.07
H8 ADP D . 17.10 13.63 24.83
HN61 ADP D . 21.42 15.29 23.25
HN62 ADP D . 22.49 16.54 23.86
H2 ADP D . 20.56 18.36 27.45
MG MG E . 11.71 13.39 22.08
C1 GOL F . -5.51 17.77 12.12
O1 GOL F . -4.83 17.74 10.87
C2 GOL F . -5.91 19.20 12.45
O2 GOL F . -6.54 19.76 11.33
C3 GOL F . -6.86 19.30 13.64
O3 GOL F . -6.32 20.25 14.53
H11 GOL F . -4.86 17.38 12.90
H12 GOL F . -6.40 17.14 12.07
HO1 GOL F . -4.52 16.83 10.69
H2 GOL F . -5.01 19.78 12.67
HO2 GOL F . -7.38 19.28 11.15
H31 GOL F . -6.95 18.33 14.13
H32 GOL F . -7.85 19.62 13.31
HO3 GOL F . -6.88 20.30 15.34
C1 GOL G . 30.01 1.92 14.34
O1 GOL G . 30.28 3.12 15.05
C2 GOL G . 30.36 0.71 15.20
O2 GOL G . 30.37 1.04 16.58
C3 GOL G . 29.33 -0.40 14.97
O3 GOL G . 29.61 -1.48 15.84
H11 GOL G . 30.58 1.89 13.42
H12 GOL G . 28.94 1.88 14.08
HO1 GOL G . 30.12 3.89 14.46
H2 GOL G . 31.34 0.34 14.90
HO2 GOL G . 29.48 1.34 16.85
H31 GOL G . 29.39 -0.74 13.94
H32 GOL G . 28.33 -0.03 15.15
HO3 GOL G . 30.57 -1.67 15.84
C1 GOL H . 0.87 32.61 3.20
O1 GOL H . 1.25 32.12 4.48
C2 GOL H . -0.14 33.74 3.37
O2 GOL H . -0.83 33.53 4.56
C3 GOL H . 0.56 35.10 3.47
O3 GOL H . -0.23 35.96 4.27
H11 GOL H . 0.44 31.81 2.61
H12 GOL H . 1.76 32.99 2.67
HO1 GOL H . 1.85 31.36 4.37
H2 GOL H . -0.83 33.74 2.52
HO2 GOL H . -0.20 33.54 5.31
H31 GOL H . 0.67 35.52 2.47
H32 GOL H . 1.55 34.98 3.91
HO3 GOL H . -1.02 35.48 4.59
N9 ADE I . 33.19 -0.28 12.06
C8 ADE I . 33.34 1.06 11.78
N7 ADE I . 33.66 1.78 12.84
C5 ADE I . 33.72 0.85 13.87
C6 ADE I . 33.99 0.98 15.25
N6 ADE I . 34.28 2.15 15.83
N1 ADE I . 33.95 -0.14 16.01
C2 ADE I . 33.66 -1.31 15.42
N3 ADE I . 33.38 -1.55 14.14
C4 ADE I . 33.42 -0.42 13.41
H8 ADE I . 33.25 1.41 10.92
HN61 ADE I . 34.43 2.18 16.69
HN62 ADE I . 34.31 2.87 15.36
H2 ADE I . 33.65 -2.05 15.98
MG MG J . -0.83 -4.59 -5.43
C1 GOL K . -16.43 -15.98 -0.13
O1 GOL K . -16.59 -16.32 1.23
C2 GOL K . -17.44 -14.91 -0.48
O2 GOL K . -18.77 -15.42 -0.57
C3 GOL K . -17.35 -13.80 0.58
O3 GOL K . -18.08 -14.18 1.69
H11 GOL K . -16.60 -16.87 -0.75
H12 GOL K . -15.42 -15.62 -0.31
HO1 GOL K . -15.99 -17.06 1.46
H2 GOL K . -17.16 -14.49 -1.44
HO2 GOL K . -19.03 -15.77 0.31
H31 GOL K . -17.73 -12.87 0.17
H32 GOL K . -16.30 -13.65 0.84
HO3 GOL K . -17.71 -13.74 2.49
C1 GOL L . -27.90 -8.40 7.84
O1 GOL L . -27.59 -9.53 8.61
C2 GOL L . -29.26 -8.60 7.20
O2 GOL L . -30.24 -8.68 8.19
C3 GOL L . -29.60 -7.45 6.27
O3 GOL L . -30.47 -7.92 5.28
H11 GOL L . -27.14 -8.25 7.07
H12 GOL L . -27.93 -7.50 8.47
HO1 GOL L . -26.68 -9.44 8.99
H2 GOL L . -29.23 -9.52 6.62
HO2 GOL L . -30.27 -7.84 8.68
H31 GOL L . -28.68 -7.07 5.80
H32 GOL L . -30.06 -6.64 6.83
HO3 GOL L . -30.04 -8.64 4.78
C1 GOL M . -16.38 -8.02 12.97
O1 GOL M . -16.53 -9.30 13.57
C2 GOL M . -17.74 -7.37 12.68
O2 GOL M . -18.71 -7.84 13.59
C3 GOL M . -17.65 -5.84 12.76
O3 GOL M . -17.23 -5.34 14.01
H11 GOL M . -15.81 -8.13 12.05
H12 GOL M . -15.81 -7.38 13.65
HO1 GOL M . -15.66 -9.71 13.68
H2 GOL M . -18.03 -7.64 11.66
HO2 GOL M . -18.47 -7.56 14.50
H31 GOL M . -18.63 -5.42 12.53
H32 GOL M . -16.97 -5.49 11.99
HO3 GOL M . -16.37 -4.86 13.90
#